data_7JH6
#
_entry.id   7JH6
#
_cell.length_a   172.478
_cell.length_b   27.825
_cell.length_c   188.494
_cell.angle_alpha   90.00
_cell.angle_beta   117.16
_cell.angle_gamma   90.00
#
_symmetry.space_group_name_H-M   'C 1 2 1'
#
loop_
_entity.id
_entity.type
_entity.pdbx_description
1 polymer 'Two-domain di-Zn(II) and porphyrin-binding protein'
2 non-polymer 'ZINC ION'
3 non-polymer [5,10,15,20-tetrakis(trifluoromethyl)porphyrinato(2-)-kappa~4~N~21~,N~22~,N~23~,N~24~]zinc
4 non-polymer 'NONAETHYLENE GLYCOL'
5 water water
#
_entity_poly.entity_id   1
_entity_poly.type   'polypeptide(L)'
_entity_poly.pdbx_seq_one_letter_code
;DYLRELLKLELQAIKQYEKLRQTGDELVQAFQRLREIFDKGDDDSLEQVLEEIEELIQKHRQLASELPKLELQAIKQYRE
ALEYVKLPVLAKILEDEEKHIEWLKEAAKQGDQWVQLFQRFREAIDKGDKDSLEQLLEELEQALQKIRELTEKTGRKILE
DEEKHIEWLETILG
;
_entity_poly.pdbx_strand_id   A,B,C,D
#
# COMPACT_ATOMS: atom_id res chain seq x y z
N ASP A 1 6.61 27.96 20.25
CA ASP A 1 6.12 26.84 21.10
C ASP A 1 4.91 26.17 20.43
N TYR A 2 3.92 26.99 20.05
CA TYR A 2 2.56 26.51 19.72
C TYR A 2 2.46 25.98 18.28
N LEU A 3 3.31 26.48 17.37
CA LEU A 3 3.25 26.11 15.94
C LEU A 3 3.66 24.64 15.76
N ARG A 4 4.58 24.18 16.60
CA ARG A 4 5.03 22.79 16.57
C ARG A 4 3.89 21.87 17.01
N GLU A 5 2.99 22.40 17.88
CA GLU A 5 1.81 21.67 18.36
C GLU A 5 0.83 21.48 17.19
N LEU A 6 0.50 22.59 16.53
CA LEU A 6 -0.41 22.60 15.38
C LEU A 6 0.08 21.65 14.29
N LEU A 7 1.41 21.56 14.15
CA LEU A 7 2.04 20.68 13.20
C LEU A 7 1.71 19.22 13.52
N LYS A 8 1.93 18.83 14.79
CA LYS A 8 1.73 17.46 15.26
C LYS A 8 0.30 16.98 14.96
N LEU A 9 -0.68 17.87 15.17
CA LEU A 9 -2.08 17.58 14.90
C LEU A 9 -2.26 17.28 13.40
N GLU A 10 -1.59 18.08 12.56
CA GLU A 10 -1.71 17.97 11.10
C GLU A 10 -1.01 16.69 10.60
N LEU A 11 0.01 16.24 11.34
CA LEU A 11 0.70 14.97 11.02
C LEU A 11 -0.20 13.79 11.41
N GLN A 12 -0.65 13.80 12.68
CA GLN A 12 -1.54 12.77 13.22
C GLN A 12 -2.78 12.61 12.34
N ALA A 13 -3.31 13.73 11.86
CA ALA A 13 -4.44 13.72 10.96
C ALA A 13 -4.13 12.82 9.75
N ILE A 14 -2.99 13.09 9.09
CA ILE A 14 -2.59 12.35 7.88
C ILE A 14 -2.43 10.86 8.22
N LYS A 15 -1.86 10.57 9.39
CA LYS A 15 -1.63 9.19 9.83
C LYS A 15 -2.95 8.45 10.02
N GLN A 16 -4.02 9.19 10.34
CA GLN A 16 -5.37 8.62 10.52
C GLN A 16 -5.98 8.28 9.16
N TYR A 17 -5.90 9.22 8.20
CA TYR A 17 -6.36 9.01 6.83
C TYR A 17 -5.50 7.93 6.16
N GLU A 18 -4.25 7.82 6.62
CA GLU A 18 -3.34 6.76 6.19
C GLU A 18 -3.90 5.38 6.59
N LYS A 19 -4.47 5.29 7.80
CA LYS A 19 -4.97 4.01 8.34
C LYS A 19 -6.36 3.69 7.78
N LEU A 20 -7.18 4.71 7.49
CA LEU A 20 -8.48 4.50 6.84
C LEU A 20 -8.24 3.98 5.42
N ARG A 21 -7.43 4.72 4.66
CA ARG A 21 -6.99 4.33 3.32
C ARG A 21 -6.78 2.81 3.25
N GLN A 22 -5.98 2.29 4.19
CA GLN A 22 -5.60 0.87 4.27
C GLN A 22 -6.85 0.00 4.49
N THR A 23 -7.69 0.40 5.45
CA THR A 23 -8.89 -0.35 5.84
C THR A 23 -9.88 -0.40 4.68
N GLY A 24 -10.05 0.74 4.00
CA GLY A 24 -10.90 0.86 2.83
C GLY A 24 -10.58 -0.18 1.77
N ASP A 25 -9.29 -0.47 1.57
CA ASP A 25 -8.82 -1.46 0.60
C ASP A 25 -9.26 -2.86 1.02
N GLU A 26 -8.95 -3.21 2.28
CA GLU A 26 -9.17 -4.55 2.83
C GLU A 26 -10.67 -4.89 2.81
N LEU A 27 -11.50 -3.90 3.15
CA LEU A 27 -12.95 -4.05 3.24
C LEU A 27 -13.55 -4.33 1.85
N VAL A 28 -12.98 -3.69 0.82
CA VAL A 28 -13.41 -3.88 -0.57
C VAL A 28 -12.91 -5.24 -1.08
N GLN A 29 -11.65 -5.57 -0.78
CA GLN A 29 -11.02 -6.79 -1.26
C GLN A 29 -11.55 -8.00 -0.48
N ALA A 30 -12.14 -7.76 0.71
CA ALA A 30 -12.86 -8.77 1.46
C ALA A 30 -14.21 -9.06 0.78
N PHE A 31 -14.82 -8.02 0.22
CA PHE A 31 -16.15 -8.10 -0.41
C PHE A 31 -16.06 -8.89 -1.72
N GLN A 32 -14.87 -8.86 -2.34
CA GLN A 32 -14.56 -9.76 -3.46
C GLN A 32 -14.84 -11.21 -3.03
N ARG A 33 -14.19 -11.62 -1.94
CA ARG A 33 -14.21 -13.00 -1.46
C ARG A 33 -15.65 -13.44 -1.11
N LEU A 34 -16.49 -12.49 -0.69
CA LEU A 34 -17.89 -12.75 -0.35
C LEU A 34 -18.69 -13.10 -1.62
N ARG A 35 -18.44 -12.36 -2.71
CA ARG A 35 -19.08 -12.59 -4.01
C ARG A 35 -18.64 -13.95 -4.56
N GLU A 36 -17.41 -14.37 -4.25
CA GLU A 36 -16.86 -15.66 -4.70
C GLU A 36 -17.58 -16.81 -3.98
N ILE A 37 -17.62 -16.73 -2.64
CA ILE A 37 -18.09 -17.81 -1.78
C ILE A 37 -19.62 -17.96 -1.92
N PHE A 38 -20.33 -16.84 -2.06
CA PHE A 38 -21.79 -16.82 -2.20
C PHE A 38 -22.18 -17.39 -3.57
N ASP A 39 -21.34 -17.19 -4.59
CA ASP A 39 -21.56 -17.71 -5.94
C ASP A 39 -21.42 -19.25 -5.93
N LYS A 40 -20.52 -19.78 -5.10
CA LYS A 40 -20.36 -21.24 -4.91
C LYS A 40 -21.48 -21.76 -4.01
N GLY A 41 -21.99 -20.89 -3.13
CA GLY A 41 -23.13 -21.19 -2.26
C GLY A 41 -22.73 -22.06 -1.08
N ASP A 42 -21.48 -21.89 -0.62
CA ASP A 42 -20.93 -22.64 0.50
C ASP A 42 -21.43 -22.00 1.81
N ASP A 43 -22.12 -22.81 2.63
CA ASP A 43 -22.77 -22.34 3.86
C ASP A 43 -21.73 -22.09 4.96
N ASP A 44 -20.68 -22.91 5.00
CA ASP A 44 -19.63 -22.86 6.02
C ASP A 44 -18.76 -21.62 5.81
N SER A 45 -18.22 -21.49 4.59
CA SER A 45 -17.22 -20.47 4.22
C SER A 45 -17.82 -19.05 4.36
N LEU A 46 -19.10 -18.90 4.01
CA LEU A 46 -19.78 -17.59 4.02
C LEU A 46 -19.82 -17.04 5.45
N GLU A 47 -20.12 -17.92 6.42
CA GLU A 47 -20.26 -17.56 7.84
C GLU A 47 -19.00 -16.87 8.35
N GLN A 48 -17.82 -17.38 7.97
CA GLN A 48 -16.53 -16.84 8.40
C GLN A 48 -16.30 -15.46 7.76
N VAL A 49 -16.46 -15.39 6.43
CA VAL A 49 -16.17 -14.18 5.67
C VAL A 49 -17.10 -13.04 6.13
N LEU A 50 -18.34 -13.37 6.49
CA LEU A 50 -19.29 -12.37 7.00
C LEU A 50 -18.79 -11.78 8.32
N GLU A 51 -18.27 -12.63 9.20
CA GLU A 51 -17.74 -12.21 10.50
C GLU A 51 -16.42 -11.45 10.31
N GLU A 52 -15.63 -11.90 9.32
CA GLU A 52 -14.35 -11.28 8.94
C GLU A 52 -14.59 -9.83 8.47
N ILE A 53 -15.67 -9.63 7.70
CA ILE A 53 -16.04 -8.32 7.17
C ILE A 53 -16.64 -7.47 8.29
N GLU A 54 -17.56 -8.06 9.06
CA GLU A 54 -18.25 -7.34 10.14
C GLU A 54 -17.24 -6.79 11.14
N GLU A 55 -16.14 -7.53 11.37
CA GLU A 55 -15.07 -7.08 12.26
C GLU A 55 -14.33 -5.89 11.63
N LEU A 56 -13.97 -6.02 10.35
CA LEU A 56 -13.21 -4.99 9.61
C LEU A 56 -13.96 -3.65 9.62
N ILE A 57 -15.29 -3.70 9.63
CA ILE A 57 -16.14 -2.51 9.69
C ILE A 57 -15.93 -1.80 11.03
N GLN A 58 -15.94 -2.57 12.13
CA GLN A 58 -15.82 -2.00 13.48
C GLN A 58 -14.52 -1.19 13.59
N LYS A 59 -13.45 -1.67 12.94
CA LYS A 59 -12.13 -1.02 12.96
C LYS A 59 -12.15 0.26 12.10
N HIS A 60 -12.65 0.13 10.87
CA HIS A 60 -12.79 1.25 9.95
C HIS A 60 -13.64 2.34 10.60
N ARG A 61 -14.82 1.94 11.08
CA ARG A 61 -15.82 2.82 11.64
C ARG A 61 -15.27 3.45 12.92
N GLN A 62 -14.44 2.69 13.64
CA GLN A 62 -13.70 3.20 14.81
C GLN A 62 -12.91 4.46 14.41
N LEU A 63 -12.09 4.33 13.35
CA LEU A 63 -11.19 5.39 12.90
C LEU A 63 -11.99 6.55 12.29
N ALA A 64 -13.13 6.25 11.68
CA ALA A 64 -14.00 7.25 11.07
C ALA A 64 -14.62 8.16 12.15
N SER A 65 -14.64 7.67 13.38
CA SER A 65 -15.16 8.42 14.54
C SER A 65 -14.10 9.40 15.05
N GLU A 66 -12.83 9.05 14.88
CA GLU A 66 -11.70 9.79 15.43
C GLU A 66 -11.50 11.09 14.65
N LEU A 67 -11.53 11.01 13.32
CA LEU A 67 -11.16 12.11 12.44
C LEU A 67 -12.05 13.33 12.71
N PRO A 68 -13.40 13.19 12.73
CA PRO A 68 -14.25 14.32 13.09
C PRO A 68 -13.83 15.03 14.37
N LYS A 69 -13.29 14.28 15.34
CA LYS A 69 -12.79 14.83 16.60
C LYS A 69 -11.44 15.52 16.38
N LEU A 70 -10.57 14.90 15.58
CA LEU A 70 -9.18 15.35 15.40
C LEU A 70 -9.14 16.61 14.50
N GLU A 71 -10.13 16.78 13.63
CA GLU A 71 -10.25 17.99 12.81
C GLU A 71 -10.82 19.12 13.68
N LEU A 72 -11.62 18.76 14.69
CA LEU A 72 -12.09 19.69 15.70
C LEU A 72 -10.93 20.13 16.58
N GLN A 73 -10.08 19.17 16.99
CA GLN A 73 -8.86 19.43 17.76
C GLN A 73 -8.07 20.59 17.12
N ALA A 74 -7.78 20.44 15.83
CA ALA A 74 -7.08 21.44 15.06
C ALA A 74 -7.80 22.79 15.21
N ILE A 75 -9.07 22.81 14.80
CA ILE A 75 -9.88 24.03 14.78
C ILE A 75 -9.72 24.78 16.11
N LYS A 76 -9.92 24.07 17.22
CA LYS A 76 -9.75 24.63 18.56
C LYS A 76 -8.46 25.47 18.62
N GLN A 77 -7.32 24.83 18.29
CA GLN A 77 -6.00 25.42 18.47
C GLN A 77 -5.79 26.59 17.50
N TYR A 78 -6.27 26.47 16.26
CA TYR A 78 -6.15 27.51 15.26
C TYR A 78 -6.95 28.74 15.70
N ARG A 79 -8.16 28.52 16.22
CA ARG A 79 -9.02 29.61 16.72
C ARG A 79 -8.36 30.29 17.92
N GLU A 80 -7.76 29.50 18.83
CA GLU A 80 -6.99 30.02 19.96
C GLU A 80 -5.95 31.02 19.44
N ALA A 81 -5.06 30.53 18.56
CA ALA A 81 -3.86 31.24 18.14
C ALA A 81 -4.18 32.38 17.16
N LEU A 82 -5.47 32.62 16.89
CA LEU A 82 -5.91 33.70 16.02
C LEU A 82 -6.42 34.88 16.86
N GLU A 83 -6.87 34.59 18.09
CA GLU A 83 -7.28 35.62 19.05
C GLU A 83 -6.06 36.39 19.55
N TYR A 84 -4.89 35.72 19.56
CA TYR A 84 -3.65 36.31 20.09
C TYR A 84 -2.78 36.86 18.96
N VAL A 85 -2.54 36.05 17.92
CA VAL A 85 -1.47 36.28 16.96
C VAL A 85 -1.99 37.04 15.73
N LYS A 86 -3.11 36.57 15.16
CA LYS A 86 -3.72 37.14 13.94
C LYS A 86 -2.71 37.09 12.78
N LEU A 87 -2.20 35.89 12.48
CA LEU A 87 -1.42 35.64 11.26
C LEU A 87 -2.38 35.39 10.10
N PRO A 88 -2.13 35.96 8.90
CA PRO A 88 -3.00 35.76 7.75
C PRO A 88 -3.19 34.31 7.27
N VAL A 89 -2.17 33.47 7.48
CA VAL A 89 -2.14 32.09 6.97
C VAL A 89 -2.93 31.16 7.91
N LEU A 90 -2.88 31.41 9.22
CA LEU A 90 -3.60 30.60 10.18
C LEU A 90 -5.10 30.65 9.89
N ALA A 91 -5.57 31.80 9.37
CA ALA A 91 -6.96 31.96 8.92
C ALA A 91 -7.28 30.98 7.79
N LYS A 92 -6.41 30.92 6.78
CA LYS A 92 -6.62 30.10 5.58
C LYS A 92 -6.69 28.62 5.95
N ILE A 93 -5.87 28.21 6.93
CA ILE A 93 -5.86 26.81 7.38
C ILE A 93 -7.21 26.51 8.04
N LEU A 94 -7.58 27.34 9.01
CA LEU A 94 -8.83 27.21 9.75
C LEU A 94 -9.99 26.96 8.77
N GLU A 95 -10.06 27.75 7.69
CA GLU A 95 -11.13 27.69 6.69
C GLU A 95 -11.15 26.32 6.01
N ASP A 96 -9.97 25.76 5.73
CA ASP A 96 -9.84 24.43 5.14
C ASP A 96 -10.39 23.39 6.12
N GLU A 97 -9.93 23.46 7.37
CA GLU A 97 -10.27 22.48 8.40
C GLU A 97 -11.78 22.49 8.66
N GLU A 98 -12.41 23.67 8.61
CA GLU A 98 -13.86 23.80 8.75
C GLU A 98 -14.56 23.01 7.64
N LYS A 99 -14.10 23.19 6.39
CA LYS A 99 -14.71 22.57 5.20
C LYS A 99 -14.34 21.08 5.11
N HIS A 100 -13.32 20.65 5.88
CA HIS A 100 -12.93 19.24 5.98
C HIS A 100 -13.97 18.45 6.78
N ILE A 101 -14.56 19.07 7.80
CA ILE A 101 -15.59 18.43 8.61
C ILE A 101 -16.90 18.37 7.80
N GLU A 102 -17.15 19.41 6.99
CA GLU A 102 -18.26 19.39 6.04
C GLU A 102 -18.13 18.14 5.17
N TRP A 103 -16.97 17.99 4.51
CA TRP A 103 -16.66 16.83 3.65
C TRP A 103 -16.99 15.52 4.36
N LEU A 104 -16.49 15.38 5.60
CA LEU A 104 -16.53 14.13 6.36
C LEU A 104 -17.98 13.73 6.66
N LYS A 105 -18.70 14.62 7.35
CA LYS A 105 -19.97 14.29 7.97
C LYS A 105 -21.06 14.04 6.91
N GLU A 106 -20.84 14.53 5.69
CA GLU A 106 -21.72 14.24 4.55
C GLU A 106 -21.54 12.76 4.14
N ALA A 107 -20.27 12.32 4.11
CA ALA A 107 -19.90 10.94 3.72
C ALA A 107 -20.08 9.96 4.88
N ALA A 108 -20.03 10.45 6.12
CA ALA A 108 -20.23 9.62 7.31
C ALA A 108 -21.71 9.23 7.45
N LYS A 109 -22.61 10.04 6.87
CA LYS A 109 -24.04 9.70 6.75
C LYS A 109 -24.21 8.49 5.82
N GLN A 110 -23.59 8.57 4.65
CA GLN A 110 -23.61 7.51 3.64
C GLN A 110 -23.05 6.19 4.20
N GLY A 111 -22.13 6.32 5.17
CA GLY A 111 -21.52 5.19 5.86
C GLY A 111 -22.51 4.45 6.76
N ASP A 112 -23.27 5.21 7.56
CA ASP A 112 -24.29 4.66 8.49
C ASP A 112 -25.34 3.87 7.71
N GLN A 113 -25.92 4.54 6.70
CA GLN A 113 -26.85 3.96 5.73
C GLN A 113 -26.44 2.52 5.39
N TRP A 114 -25.19 2.34 4.97
CA TRP A 114 -24.68 1.09 4.41
C TRP A 114 -24.45 0.03 5.50
N VAL A 115 -24.02 0.46 6.69
CA VAL A 115 -23.78 -0.43 7.83
C VAL A 115 -25.08 -1.14 8.21
N GLN A 116 -26.22 -0.45 8.05
CA GLN A 116 -27.54 -1.04 8.26
C GLN A 116 -27.76 -2.17 7.24
N LEU A 117 -27.61 -1.84 5.96
CA LEU A 117 -27.91 -2.73 4.84
C LEU A 117 -27.12 -4.04 4.96
N PHE A 118 -25.84 -3.93 5.34
CA PHE A 118 -24.98 -5.10 5.54
C PHE A 118 -25.55 -5.99 6.66
N GLN A 119 -26.03 -5.34 7.73
CA GLN A 119 -26.50 -6.05 8.91
C GLN A 119 -27.82 -6.78 8.59
N ARG A 120 -28.65 -6.17 7.71
CA ARG A 120 -29.89 -6.78 7.23
C ARG A 120 -29.58 -8.02 6.39
N PHE A 121 -28.52 -7.92 5.57
CA PHE A 121 -28.07 -9.02 4.72
C PHE A 121 -27.60 -10.21 5.58
N ARG A 122 -26.94 -9.91 6.70
CA ARG A 122 -26.41 -10.93 7.61
C ARG A 122 -27.56 -11.61 8.36
N GLU A 123 -28.64 -10.84 8.61
CA GLU A 123 -29.81 -11.32 9.36
C GLU A 123 -30.75 -12.12 8.46
N ALA A 124 -30.59 -12.01 7.12
CA ALA A 124 -31.41 -12.77 6.16
C ALA A 124 -30.98 -14.24 6.14
N ILE A 125 -29.70 -14.49 6.46
CA ILE A 125 -29.11 -15.83 6.50
C ILE A 125 -29.56 -16.54 7.79
N ASP A 126 -29.80 -15.75 8.85
CA ASP A 126 -30.26 -16.23 10.16
C ASP A 126 -31.66 -16.84 10.01
N LYS A 127 -32.55 -16.07 9.37
CA LYS A 127 -33.99 -16.38 9.31
C LYS A 127 -34.38 -16.54 7.84
N GLY A 128 -34.14 -17.75 7.33
CA GLY A 128 -34.57 -18.19 6.00
C GLY A 128 -33.85 -17.47 4.88
N ASP A 129 -34.65 -16.91 3.96
CA ASP A 129 -34.21 -15.95 2.95
C ASP A 129 -35.34 -14.93 2.79
N LYS A 130 -35.08 -13.66 3.17
CA LYS A 130 -36.06 -12.57 3.14
C LYS A 130 -36.40 -12.13 1.70
N ASP A 131 -35.41 -12.26 0.81
CA ASP A 131 -35.58 -12.15 -0.64
C ASP A 131 -34.62 -13.16 -1.29
N SER A 132 -34.64 -13.28 -2.62
CA SER A 132 -33.49 -13.80 -3.34
C SER A 132 -32.28 -13.03 -2.80
N LEU A 133 -31.45 -13.75 -2.03
CA LEU A 133 -30.22 -13.19 -1.42
C LEU A 133 -29.32 -12.55 -2.50
N GLU A 134 -29.32 -13.11 -3.72
CA GLU A 134 -28.67 -12.53 -4.91
C GLU A 134 -28.91 -11.02 -5.00
N GLN A 135 -30.13 -10.58 -4.69
CA GLN A 135 -30.64 -9.23 -4.87
C GLN A 135 -30.03 -8.26 -3.84
N LEU A 136 -29.88 -8.73 -2.59
CA LEU A 136 -29.38 -7.91 -1.47
C LEU A 136 -27.87 -7.70 -1.60
N LEU A 137 -27.15 -8.77 -1.99
CA LEU A 137 -25.71 -8.70 -2.28
C LEU A 137 -25.47 -7.77 -3.48
N GLU A 138 -26.34 -7.90 -4.49
CA GLU A 138 -26.34 -7.04 -5.67
C GLU A 138 -26.47 -5.58 -5.23
N GLU A 139 -27.37 -5.30 -4.28
CA GLU A 139 -27.59 -3.96 -3.75
C GLU A 139 -26.37 -3.46 -2.98
N LEU A 140 -25.79 -4.33 -2.14
CA LEU A 140 -24.62 -4.00 -1.31
C LEU A 140 -23.42 -3.64 -2.20
N GLU A 141 -23.10 -4.52 -3.16
CA GLU A 141 -21.96 -4.37 -4.07
C GLU A 141 -21.96 -2.97 -4.72
N GLN A 142 -23.15 -2.45 -5.04
CA GLN A 142 -23.32 -1.12 -5.67
C GLN A 142 -23.14 -0.02 -4.61
N ALA A 143 -23.91 -0.11 -3.51
CA ALA A 143 -23.88 0.88 -2.41
C ALA A 143 -22.50 0.92 -1.74
N LEU A 144 -21.75 -0.18 -1.85
CA LEU A 144 -20.33 -0.24 -1.45
C LEU A 144 -19.54 0.78 -2.27
N GLN A 145 -19.69 0.73 -3.60
CA GLN A 145 -18.93 1.55 -4.54
C GLN A 145 -19.43 3.00 -4.52
N LYS A 146 -20.67 3.22 -4.09
CA LYS A 146 -21.24 4.57 -3.93
C LYS A 146 -20.54 5.30 -2.78
N ILE A 147 -20.21 4.56 -1.71
CA ILE A 147 -19.39 5.09 -0.62
C ILE A 147 -17.96 5.32 -1.13
N ARG A 148 -17.41 4.30 -1.81
CA ARG A 148 -16.05 4.33 -2.33
C ARG A 148 -15.85 5.55 -3.23
N GLU A 149 -16.91 5.98 -3.92
CA GLU A 149 -16.89 7.17 -4.76
C GLU A 149 -16.69 8.42 -3.89
N LEU A 150 -17.53 8.59 -2.86
CA LEU A 150 -17.48 9.75 -1.97
C LEU A 150 -16.16 9.78 -1.20
N THR A 151 -15.67 8.58 -0.84
CA THR A 151 -14.47 8.42 -0.04
C THR A 151 -13.22 8.93 -0.80
N GLU A 152 -12.90 8.29 -1.92
CA GLU A 152 -11.57 8.41 -2.54
C GLU A 152 -11.34 9.86 -2.97
N LYS A 153 -12.41 10.53 -3.38
CA LYS A 153 -12.38 11.95 -3.73
C LYS A 153 -12.31 12.77 -2.43
N THR A 154 -13.42 12.83 -1.69
CA THR A 154 -13.53 13.72 -0.51
C THR A 154 -12.71 13.18 0.67
N GLY A 155 -11.86 12.17 0.41
CA GLY A 155 -10.86 11.67 1.37
C GLY A 155 -9.47 12.18 1.03
N ARG A 156 -9.05 12.01 -0.23
CA ARG A 156 -7.72 12.42 -0.69
C ARG A 156 -7.69 13.95 -0.87
N LYS A 157 -8.84 14.53 -1.23
CA LYS A 157 -9.04 15.98 -1.23
C LYS A 157 -8.42 16.60 0.04
N ILE A 158 -8.74 16.00 1.19
CA ILE A 158 -8.27 16.43 2.51
C ILE A 158 -6.75 16.21 2.59
N LEU A 159 -6.30 15.01 2.21
CA LEU A 159 -4.90 14.61 2.31
C LEU A 159 -4.01 15.57 1.50
N GLU A 160 -4.55 16.11 0.40
CA GLU A 160 -3.88 17.17 -0.34
C GLU A 160 -3.73 18.41 0.56
N ASP A 161 -4.88 18.90 1.05
CA ASP A 161 -4.97 20.13 1.86
C ASP A 161 -4.14 19.99 3.15
N GLU A 162 -4.18 18.80 3.77
CA GLU A 162 -3.50 18.55 5.03
C GLU A 162 -1.98 18.61 4.84
N GLU A 163 -1.49 18.08 3.72
CA GLU A 163 -0.07 18.13 3.37
C GLU A 163 0.36 19.59 3.12
N LYS A 164 -0.53 20.35 2.48
CA LYS A 164 -0.31 21.77 2.19
C LYS A 164 -0.20 22.57 3.49
N HIS A 165 -0.98 22.18 4.51
CA HIS A 165 -0.99 22.84 5.81
C HIS A 165 0.34 22.66 6.53
N ILE A 166 0.93 21.46 6.40
CA ILE A 166 2.20 21.14 7.03
C ILE A 166 3.31 22.03 6.43
N GLU A 167 3.38 22.06 5.10
CA GLU A 167 4.40 22.81 4.38
C GLU A 167 4.31 24.30 4.76
N TRP A 168 3.09 24.82 4.81
CA TRP A 168 2.83 26.19 5.24
C TRP A 168 3.43 26.46 6.62
N LEU A 169 3.15 25.56 7.57
CA LEU A 169 3.57 25.72 8.98
C LEU A 169 5.09 25.57 9.11
N GLU A 170 5.65 24.54 8.44
CA GLU A 170 7.09 24.28 8.46
C GLU A 170 7.86 25.49 7.93
N THR A 171 7.25 26.21 6.98
CA THR A 171 7.82 27.42 6.38
C THR A 171 7.95 28.52 7.45
N ILE A 172 6.87 28.77 8.19
CA ILE A 172 6.86 29.79 9.26
C ILE A 172 7.95 29.46 10.28
N LEU A 173 8.15 28.16 10.54
CA LEU A 173 9.22 27.67 11.42
C LEU A 173 10.55 27.66 10.66
N GLY A 174 11.64 27.45 11.40
CA GLY A 174 12.99 27.38 10.84
C GLY A 174 13.24 26.06 10.13
N ASP B 1 5.59 -35.49 -11.96
CA ASP B 1 6.92 -34.98 -12.38
C ASP B 1 6.83 -33.46 -12.62
N TYR B 2 5.86 -33.06 -13.44
CA TYR B 2 5.77 -31.70 -14.00
C TYR B 2 5.14 -30.71 -13.01
N LEU B 3 4.28 -31.19 -12.11
CA LEU B 3 3.55 -30.32 -11.17
C LEU B 3 4.52 -29.69 -10.16
N ARG B 4 5.57 -30.43 -9.81
CA ARG B 4 6.61 -29.96 -8.90
C ARG B 4 7.38 -28.81 -9.57
N GLU B 5 7.48 -28.86 -10.91
CA GLU B 5 8.13 -27.83 -11.71
C GLU B 5 7.32 -26.53 -11.64
N LEU B 6 6.02 -26.64 -11.95
CA LEU B 6 5.07 -25.52 -11.93
C LEU B 6 5.09 -24.85 -10.55
N LEU B 7 5.26 -25.66 -9.51
CA LEU B 7 5.32 -25.19 -8.14
C LEU B 7 6.54 -24.25 -7.98
N LYS B 8 7.70 -24.73 -8.41
CA LYS B 8 8.98 -24.02 -8.24
C LYS B 8 8.89 -22.63 -8.91
N LEU B 9 8.25 -22.56 -10.08
CA LEU B 9 8.04 -21.29 -10.79
C LEU B 9 7.21 -20.35 -9.91
N GLU B 10 6.18 -20.88 -9.27
CA GLU B 10 5.25 -20.11 -8.45
C GLU B 10 5.94 -19.64 -7.15
N LEU B 11 6.93 -20.41 -6.68
CA LEU B 11 7.73 -20.03 -5.51
C LEU B 11 8.71 -18.91 -5.90
N GLN B 12 9.48 -19.15 -6.96
CA GLN B 12 10.46 -18.20 -7.50
C GLN B 12 9.77 -16.86 -7.77
N ALA B 13 8.55 -16.91 -8.31
CA ALA B 13 7.76 -15.73 -8.58
C ALA B 13 7.63 -14.90 -7.29
N ILE B 14 7.18 -15.55 -6.21
CA ILE B 14 6.95 -14.88 -4.91
C ILE B 14 8.28 -14.26 -4.41
N LYS B 15 9.37 -15.01 -4.59
CA LYS B 15 10.70 -14.58 -4.13
C LYS B 15 11.14 -13.32 -4.88
N GLN B 16 10.66 -13.15 -6.12
CA GLN B 16 10.96 -11.98 -6.95
C GLN B 16 10.18 -10.76 -6.46
N TYR B 17 8.87 -10.95 -6.20
CA TYR B 17 8.01 -9.89 -5.65
C TYR B 17 8.47 -9.57 -4.21
N GLU B 18 9.08 -10.56 -3.56
CA GLU B 18 9.69 -10.38 -2.25
C GLU B 18 10.85 -9.38 -2.34
N LYS B 19 11.65 -9.46 -3.41
CA LYS B 19 12.85 -8.62 -3.59
C LYS B 19 12.46 -7.23 -4.11
N LEU B 20 11.41 -7.14 -4.93
CA LEU B 20 10.90 -5.84 -5.39
C LEU B 20 10.34 -5.06 -4.19
N ARG B 21 9.42 -5.70 -3.46
CA ARG B 21 8.85 -5.19 -2.22
C ARG B 21 9.91 -4.41 -1.44
N GLN B 22 11.05 -5.06 -1.20
CA GLN B 22 12.17 -4.52 -0.41
C GLN B 22 12.76 -3.27 -1.08
N THR B 23 13.00 -3.37 -2.39
CA THR B 23 13.61 -2.29 -3.18
C THR B 23 12.69 -1.06 -3.22
N GLY B 24 11.38 -1.31 -3.38
CA GLY B 24 10.35 -0.29 -3.37
C GLY B 24 10.43 0.59 -2.14
N ASP B 25 10.72 -0.02 -0.98
CA ASP B 25 10.83 0.68 0.30
C ASP B 25 12.04 1.61 0.26
N GLU B 26 13.20 1.05 -0.10
CA GLU B 26 14.50 1.73 -0.06
C GLU B 26 14.48 2.95 -0.98
N LEU B 27 13.87 2.78 -2.17
CA LEU B 27 13.80 3.80 -3.20
C LEU B 27 12.96 4.99 -2.73
N VAL B 28 11.89 4.70 -1.97
CA VAL B 28 10.99 5.72 -1.42
C VAL B 28 11.69 6.41 -0.23
N GLN B 29 12.34 5.63 0.63
CA GLN B 29 12.99 6.14 1.84
C GLN B 29 14.29 6.88 1.47
N ALA B 30 14.83 6.59 0.28
CA ALA B 30 15.94 7.35 -0.28
C ALA B 30 15.45 8.73 -0.75
N PHE B 31 14.23 8.76 -1.29
CA PHE B 31 13.62 9.98 -1.84
C PHE B 31 13.30 10.97 -0.72
N GLN B 32 13.05 10.44 0.49
CA GLN B 32 12.96 11.24 1.70
C GLN B 32 14.22 12.12 1.80
N ARG B 33 15.38 11.47 1.80
CA ARG B 33 16.68 12.09 2.04
C ARG B 33 16.97 13.16 0.97
N LEU B 34 16.45 12.96 -0.24
CA LEU B 34 16.62 13.92 -1.35
C LEU B 34 15.85 15.22 -1.07
N ARG B 35 14.62 15.08 -0.55
CA ARG B 35 13.77 16.22 -0.18
C ARG B 35 14.42 16.99 0.99
N GLU B 36 15.15 16.28 1.86
CA GLU B 36 15.85 16.89 3.00
C GLU B 36 17.01 17.74 2.50
N ILE B 37 17.88 17.13 1.68
CA ILE B 37 19.15 17.70 1.24
C ILE B 37 18.89 18.87 0.28
N PHE B 38 17.89 18.73 -0.58
CA PHE B 38 17.52 19.78 -1.56
C PHE B 38 16.92 20.99 -0.84
N ASP B 39 16.22 20.75 0.28
CA ASP B 39 15.62 21.81 1.11
C ASP B 39 16.73 22.63 1.80
N LYS B 40 17.84 21.96 2.17
CA LYS B 40 19.01 22.64 2.74
C LYS B 40 19.83 23.30 1.61
N GLY B 41 19.73 22.73 0.40
CA GLY B 41 20.35 23.29 -0.79
C GLY B 41 21.85 23.02 -0.84
N ASP B 42 22.25 21.87 -0.27
CA ASP B 42 23.64 21.44 -0.22
C ASP B 42 24.02 20.83 -1.58
N ASP B 43 25.04 21.41 -2.23
CA ASP B 43 25.47 21.03 -3.58
C ASP B 43 26.22 19.69 -3.55
N ASP B 44 26.99 19.45 -2.48
CA ASP B 44 27.84 18.26 -2.35
C ASP B 44 26.96 17.02 -2.08
N SER B 45 26.12 17.13 -1.03
CA SER B 45 25.32 16.01 -0.52
C SER B 45 24.32 15.51 -1.57
N LEU B 46 23.76 16.43 -2.36
CA LEU B 46 22.74 16.13 -3.37
C LEU B 46 23.34 15.19 -4.43
N GLU B 47 24.57 15.48 -4.86
CA GLU B 47 25.27 14.74 -5.91
C GLU B 47 25.34 13.25 -5.58
N GLN B 48 25.64 12.94 -4.31
CA GLN B 48 25.78 11.57 -3.83
C GLN B 48 24.41 10.86 -3.83
N VAL B 49 23.42 11.51 -3.21
CA VAL B 49 22.08 10.94 -3.03
C VAL B 49 21.44 10.69 -4.40
N LEU B 50 21.71 11.56 -5.37
CA LEU B 50 21.19 11.38 -6.74
C LEU B 50 21.76 10.10 -7.36
N GLU B 51 23.07 9.87 -7.17
CA GLU B 51 23.75 8.68 -7.70
C GLU B 51 23.29 7.43 -6.92
N GLU B 52 23.08 7.60 -5.60
CA GLU B 52 22.59 6.56 -4.70
C GLU B 52 21.22 6.06 -5.16
N ILE B 53 20.35 7.00 -5.57
CA ILE B 53 18.99 6.71 -6.03
C ILE B 53 19.07 6.11 -7.44
N GLU B 54 19.85 6.73 -8.33
CA GLU B 54 19.96 6.29 -9.72
C GLU B 54 20.44 4.84 -9.77
N GLU B 55 21.29 4.44 -8.83
CA GLU B 55 21.78 3.07 -8.74
C GLU B 55 20.65 2.14 -8.30
N LEU B 56 19.92 2.54 -7.26
CA LEU B 56 18.81 1.75 -6.68
C LEU B 56 17.73 1.46 -7.74
N ILE B 57 17.55 2.38 -8.68
CA ILE B 57 16.61 2.22 -9.78
C ILE B 57 17.07 1.06 -10.68
N GLN B 58 18.34 1.04 -11.03
CA GLN B 58 18.88 0.01 -11.93
C GLN B 58 18.60 -1.39 -11.37
N LYS B 59 18.69 -1.54 -10.04
CA LYS B 59 18.45 -2.83 -9.35
C LYS B 59 16.95 -3.18 -9.37
N HIS B 60 16.12 -2.21 -8.96
CA HIS B 60 14.68 -2.36 -8.97
C HIS B 60 14.20 -2.71 -10.37
N ARG B 61 14.62 -1.89 -11.33
CA ARG B 61 14.20 -1.97 -12.72
C ARG B 61 14.72 -3.28 -13.32
N GLN B 62 15.89 -3.74 -12.85
CA GLN B 62 16.43 -5.04 -13.20
C GLN B 62 15.40 -6.14 -12.90
N LEU B 63 14.91 -6.16 -11.65
CA LEU B 63 13.99 -7.19 -11.18
C LEU B 63 12.61 -7.03 -11.84
N ALA B 64 12.22 -5.80 -12.17
CA ALA B 64 10.95 -5.52 -12.83
C ALA B 64 10.94 -6.08 -14.25
N SER B 65 12.13 -6.34 -14.81
CA SER B 65 12.29 -6.93 -16.14
C SER B 65 12.10 -8.44 -16.07
N GLU B 66 12.43 -9.04 -14.93
CA GLU B 66 12.43 -10.49 -14.75
C GLU B 66 11.00 -11.02 -14.67
N LEU B 67 10.16 -10.35 -13.87
CA LEU B 67 8.83 -10.84 -13.54
C LEU B 67 8.01 -11.03 -14.81
N PRO B 68 7.90 -10.03 -15.71
CA PRO B 68 7.20 -10.23 -16.98
C PRO B 68 7.62 -11.51 -17.73
N LYS B 69 8.89 -11.88 -17.62
CA LYS B 69 9.43 -13.09 -18.23
C LYS B 69 9.00 -14.32 -17.43
N LEU B 70 9.05 -14.24 -16.10
CA LEU B 70 8.82 -15.38 -15.20
C LEU B 70 7.32 -15.72 -15.14
N GLU B 71 6.44 -14.73 -15.38
CA GLU B 71 5.01 -14.98 -15.46
C GLU B 71 4.68 -15.61 -16.82
N LEU B 72 5.49 -15.29 -17.83
CA LEU B 72 5.41 -15.93 -19.14
C LEU B 72 5.89 -17.37 -19.02
N GLN B 73 6.98 -17.61 -18.30
CA GLN B 73 7.52 -18.95 -18.01
C GLN B 73 6.38 -19.86 -17.53
N ALA B 74 5.67 -19.41 -16.50
CA ALA B 74 4.54 -20.14 -15.95
C ALA B 74 3.55 -20.45 -17.08
N ILE B 75 3.05 -19.40 -17.73
CA ILE B 75 2.02 -19.52 -18.76
C ILE B 75 2.41 -20.63 -19.73
N LYS B 76 3.63 -20.58 -20.27
CA LYS B 76 4.16 -21.58 -21.18
C LYS B 76 3.81 -22.98 -20.66
N GLN B 77 4.23 -23.28 -19.42
CA GLN B 77 4.16 -24.62 -18.85
C GLN B 77 2.69 -25.02 -18.59
N TYR B 78 1.88 -24.07 -18.12
CA TYR B 78 0.47 -24.33 -17.84
C TYR B 78 -0.26 -24.64 -19.16
N ARG B 79 0.04 -23.88 -20.22
CA ARG B 79 -0.57 -24.10 -21.55
C ARG B 79 -0.15 -25.46 -22.09
N GLU B 80 1.13 -25.82 -21.92
CA GLU B 80 1.66 -27.14 -22.29
C GLU B 80 0.77 -28.22 -21.67
N ALA B 81 0.69 -28.20 -20.33
CA ALA B 81 0.10 -29.27 -19.52
C ALA B 81 -1.43 -29.27 -19.61
N LEU B 82 -2.01 -28.38 -20.42
CA LEU B 82 -3.46 -28.31 -20.61
C LEU B 82 -3.84 -28.98 -21.94
N GLU B 83 -2.89 -29.01 -22.89
CA GLU B 83 -3.08 -29.70 -24.17
C GLU B 83 -3.06 -31.22 -23.94
N TYR B 84 -2.36 -31.67 -22.89
CA TYR B 84 -2.20 -33.10 -22.62
C TYR B 84 -3.17 -33.56 -21.53
N VAL B 85 -3.23 -32.83 -20.41
CA VAL B 85 -3.84 -33.31 -19.16
C VAL B 85 -5.31 -32.87 -19.07
N LYS B 86 -5.57 -31.57 -19.32
CA LYS B 86 -6.91 -30.96 -19.21
C LYS B 86 -7.47 -31.16 -17.79
N LEU B 87 -6.72 -30.68 -16.78
CA LEU B 87 -7.24 -30.58 -15.41
C LEU B 87 -8.01 -29.27 -15.26
N PRO B 88 -9.18 -29.27 -14.59
CA PRO B 88 -9.98 -28.05 -14.41
C PRO B 88 -9.29 -26.89 -13.67
N VAL B 89 -8.37 -27.21 -12.76
CA VAL B 89 -7.73 -26.21 -11.88
C VAL B 89 -6.57 -25.53 -12.62
N LEU B 90 -5.86 -26.28 -13.48
CA LEU B 90 -4.75 -25.71 -14.23
C LEU B 90 -5.25 -24.57 -15.12
N ALA B 91 -6.50 -24.67 -15.59
CA ALA B 91 -7.16 -23.61 -16.34
C ALA B 91 -7.28 -22.34 -15.50
N LYS B 92 -7.77 -22.47 -14.27
CA LYS B 92 -8.04 -21.35 -13.38
C LYS B 92 -6.73 -20.61 -13.06
N ILE B 93 -5.63 -21.35 -12.91
CA ILE B 93 -4.32 -20.75 -12.63
C ILE B 93 -3.89 -19.92 -13.84
N LEU B 94 -3.90 -20.57 -15.01
CA LEU B 94 -3.52 -19.93 -16.27
C LEU B 94 -4.21 -18.57 -16.41
N GLU B 95 -5.51 -18.52 -16.12
CA GLU B 95 -6.33 -17.31 -16.26
C GLU B 95 -5.81 -16.19 -15.33
N ASP B 96 -5.39 -16.57 -14.12
CA ASP B 96 -4.81 -15.64 -13.15
C ASP B 96 -3.49 -15.09 -13.72
N GLU B 97 -2.62 -16.00 -14.17
CA GLU B 97 -1.28 -15.66 -14.64
C GLU B 97 -1.38 -14.73 -15.86
N GLU B 98 -2.37 -14.96 -16.72
CA GLU B 98 -2.62 -14.10 -17.88
C GLU B 98 -2.91 -12.67 -17.42
N LYS B 99 -3.80 -12.54 -16.42
CA LYS B 99 -4.24 -11.25 -15.89
C LYS B 99 -3.17 -10.61 -15.00
N HIS B 100 -2.18 -11.40 -14.58
CA HIS B 100 -1.02 -10.90 -13.83
C HIS B 100 -0.09 -10.10 -14.73
N ILE B 101 0.04 -10.51 -16.01
CA ILE B 101 0.87 -9.80 -16.97
C ILE B 101 0.15 -8.52 -17.40
N GLU B 102 -1.18 -8.57 -17.49
CA GLU B 102 -2.00 -7.38 -17.70
C GLU B 102 -1.64 -6.36 -16.62
N TRP B 103 -1.78 -6.76 -15.36
CA TRP B 103 -1.44 -5.92 -14.19
C TRP B 103 -0.06 -5.28 -14.36
N LEU B 104 0.93 -6.11 -14.69
CA LEU B 104 2.35 -5.72 -14.70
C LEU B 104 2.61 -4.66 -15.77
N LYS B 105 2.29 -4.97 -17.02
CA LYS B 105 2.74 -4.19 -18.17
C LYS B 105 2.03 -2.83 -18.22
N GLU B 106 0.89 -2.71 -17.52
CA GLU B 106 0.21 -1.41 -17.35
C GLU B 106 1.05 -0.53 -16.41
N ALA B 107 1.57 -1.12 -15.34
CA ALA B 107 2.37 -0.42 -14.31
C ALA B 107 3.83 -0.27 -14.77
N ALA B 108 4.30 -1.14 -15.66
CA ALA B 108 5.67 -1.07 -16.20
C ALA B 108 5.78 0.10 -17.18
N LYS B 109 4.65 0.52 -17.78
CA LYS B 109 4.57 1.75 -18.59
C LYS B 109 4.79 2.97 -17.69
N GLN B 110 4.06 3.03 -16.57
CA GLN B 110 4.13 4.10 -15.58
C GLN B 110 5.55 4.21 -15.01
N GLY B 111 6.29 3.09 -15.00
CA GLY B 111 7.67 3.01 -14.55
C GLY B 111 8.63 3.72 -15.50
N ASP B 112 8.48 3.45 -16.81
CA ASP B 112 9.32 4.06 -17.86
C ASP B 112 9.17 5.59 -17.82
N GLN B 113 7.91 6.04 -17.90
CA GLN B 113 7.50 7.43 -17.76
C GLN B 113 8.37 8.14 -16.72
N TRP B 114 8.45 7.57 -15.52
CA TRP B 114 9.04 8.20 -14.34
C TRP B 114 10.58 8.18 -14.41
N VAL B 115 11.15 7.12 -14.97
CA VAL B 115 12.62 6.97 -15.13
C VAL B 115 13.14 8.12 -16.00
N GLN B 116 12.34 8.56 -16.98
CA GLN B 116 12.67 9.70 -17.82
C GLN B 116 12.73 10.96 -16.95
N LEU B 117 11.63 11.23 -16.22
CA LEU B 117 11.45 12.45 -15.43
C LEU B 117 12.60 12.64 -14.44
N PHE B 118 13.02 11.55 -13.78
CA PHE B 118 14.14 11.59 -12.84
C PHE B 118 15.43 12.01 -13.55
N GLN B 119 15.62 11.49 -14.77
CA GLN B 119 16.84 11.73 -15.53
C GLN B 119 16.87 13.19 -16.02
N ARG B 120 15.69 13.75 -16.32
CA ARG B 120 15.54 15.16 -16.71
C ARG B 120 15.89 16.05 -15.51
N PHE B 121 15.46 15.65 -14.31
CA PHE B 121 15.74 16.37 -13.07
C PHE B 121 17.25 16.41 -12.80
N ARG B 122 17.94 15.31 -13.10
CA ARG B 122 19.38 15.20 -12.87
C ARG B 122 20.14 16.07 -13.89
N GLU B 123 19.56 16.23 -15.09
CA GLU B 123 20.16 17.00 -16.18
C GLU B 123 19.89 18.51 -16.01
N ALA B 124 18.92 18.87 -15.17
CA ALA B 124 18.57 20.28 -14.89
C ALA B 124 19.61 20.91 -13.97
N ILE B 125 20.35 20.08 -13.21
CA ILE B 125 21.42 20.53 -12.32
C ILE B 125 22.66 20.89 -13.14
N ASP B 126 22.83 20.23 -14.29
CA ASP B 126 23.93 20.50 -15.24
C ASP B 126 23.80 21.92 -15.80
N LYS B 127 22.60 22.25 -16.28
CA LYS B 127 22.25 23.55 -16.88
C LYS B 127 22.26 24.66 -15.81
N GLY B 128 22.32 24.30 -14.52
CA GLY B 128 22.32 25.25 -13.41
C GLY B 128 20.98 25.96 -13.30
N ASP B 129 19.90 25.22 -13.60
CA ASP B 129 18.54 25.75 -13.75
C ASP B 129 17.80 25.57 -12.41
N LYS B 130 18.11 26.47 -11.45
CA LYS B 130 17.79 26.28 -10.03
C LYS B 130 16.30 26.56 -9.77
N ASP B 131 15.70 27.45 -10.57
CA ASP B 131 14.26 27.77 -10.52
C ASP B 131 13.44 26.51 -10.80
N SER B 132 13.77 25.85 -11.92
CA SER B 132 13.05 24.67 -12.39
C SER B 132 13.04 23.55 -11.34
N LEU B 133 14.14 23.38 -10.62
CA LEU B 133 14.40 22.20 -9.79
C LEU B 133 13.30 22.02 -8.73
N GLU B 134 12.84 23.13 -8.14
CA GLU B 134 11.78 23.08 -7.12
C GLU B 134 10.50 22.45 -7.71
N GLN B 135 10.19 22.82 -8.96
CA GLN B 135 8.96 22.42 -9.66
C GLN B 135 9.09 20.96 -10.13
N LEU B 136 10.29 20.57 -10.56
CA LEU B 136 10.57 19.22 -11.08
C LEU B 136 10.59 18.19 -9.94
N LEU B 137 11.18 18.56 -8.79
CA LEU B 137 11.16 17.73 -7.58
C LEU B 137 9.72 17.58 -7.08
N GLU B 138 8.97 18.69 -7.14
CA GLU B 138 7.56 18.73 -6.81
C GLU B 138 6.80 17.71 -7.69
N GLU B 139 7.12 17.68 -8.98
CA GLU B 139 6.52 16.76 -9.96
C GLU B 139 6.91 15.31 -9.65
N LEU B 140 8.19 15.09 -9.35
CA LEU B 140 8.72 13.74 -9.07
C LEU B 140 8.04 13.15 -7.82
N GLU B 141 8.04 13.92 -6.73
CA GLU B 141 7.48 13.50 -5.43
C GLU B 141 6.07 12.92 -5.61
N GLN B 142 5.28 13.55 -6.50
CA GLN B 142 3.90 13.14 -6.77
C GLN B 142 3.88 11.88 -7.65
N ALA B 143 4.57 11.94 -8.80
CA ALA B 143 4.64 10.83 -9.78
C ALA B 143 5.31 9.59 -9.17
N LEU B 144 6.13 9.81 -8.13
CA LEU B 144 6.69 8.73 -7.30
C LEU B 144 5.53 7.96 -6.64
N GLN B 145 4.63 8.70 -5.98
CA GLN B 145 3.54 8.12 -5.20
C GLN B 145 2.43 7.58 -6.12
N LYS B 146 2.35 8.09 -7.35
CA LYS B 146 1.41 7.59 -8.38
C LYS B 146 1.81 6.17 -8.80
N ILE B 147 3.12 5.90 -8.89
CA ILE B 147 3.64 4.56 -9.13
C ILE B 147 3.36 3.70 -7.88
N ARG B 148 3.71 4.25 -6.70
CA ARG B 148 3.56 3.56 -5.43
C ARG B 148 2.10 3.11 -5.23
N GLU B 149 1.16 3.87 -5.77
CA GLU B 149 -0.26 3.53 -5.74
C GLU B 149 -0.52 2.27 -6.57
N LEU B 150 -0.07 2.27 -7.83
CA LEU B 150 -0.26 1.14 -8.76
C LEU B 150 0.47 -0.10 -8.24
N THR B 151 1.63 0.11 -7.62
CA THR B 151 2.49 -0.96 -7.14
C THR B 151 1.81 -1.76 -6.02
N GLU B 152 1.52 -1.09 -4.89
CA GLU B 152 1.22 -1.76 -3.63
C GLU B 152 -0.06 -2.61 -3.79
N LYS B 153 -0.99 -2.10 -4.59
CA LYS B 153 -2.22 -2.79 -4.93
C LYS B 153 -1.91 -3.90 -5.94
N THR B 154 -1.61 -3.50 -7.20
CA THR B 154 -1.45 -4.47 -8.30
C THR B 154 -0.11 -5.23 -8.18
N GLY B 155 0.55 -5.11 -7.03
CA GLY B 155 1.70 -5.94 -6.66
C GLY B 155 1.33 -7.04 -5.69
N ARG B 156 0.66 -6.66 -4.59
CA ARG B 156 0.25 -7.60 -3.54
C ARG B 156 -0.95 -8.43 -4.01
N LYS B 157 -1.80 -7.81 -4.84
CA LYS B 157 -2.87 -8.51 -5.57
C LYS B 157 -2.34 -9.87 -6.10
N ILE B 158 -1.18 -9.80 -6.76
CA ILE B 158 -0.52 -10.96 -7.37
C ILE B 158 -0.06 -11.91 -6.27
N LEU B 159 0.62 -11.36 -5.25
CA LEU B 159 1.19 -12.15 -4.15
C LEU B 159 0.10 -12.96 -3.45
N GLU B 160 -1.12 -12.41 -3.39
CA GLU B 160 -2.28 -13.16 -2.90
C GLU B 160 -2.53 -14.36 -3.81
N ASP B 161 -2.72 -14.08 -5.10
CA ASP B 161 -3.08 -15.08 -6.12
C ASP B 161 -1.98 -16.13 -6.24
N GLU B 162 -0.72 -15.69 -6.17
CA GLU B 162 0.43 -16.58 -6.35
C GLU B 162 0.51 -17.58 -5.18
N GLU B 163 0.21 -17.13 -3.96
CA GLU B 163 0.18 -17.99 -2.78
C GLU B 163 -0.97 -19.01 -2.91
N LYS B 164 -2.10 -18.56 -3.45
CA LYS B 164 -3.27 -19.39 -3.69
C LYS B 164 -2.95 -20.50 -4.71
N HIS B 165 -2.10 -20.17 -5.69
CA HIS B 165 -1.71 -21.12 -6.73
C HIS B 165 -0.86 -22.26 -6.15
N ILE B 166 0.00 -21.92 -5.18
CA ILE B 166 0.88 -22.89 -4.54
C ILE B 166 0.02 -23.91 -3.78
N GLU B 167 -0.88 -23.40 -2.93
CA GLU B 167 -1.74 -24.24 -2.09
C GLU B 167 -2.54 -25.21 -2.98
N TRP B 168 -3.10 -24.68 -4.08
CA TRP B 168 -3.84 -25.48 -5.05
C TRP B 168 -2.97 -26.63 -5.57
N LEU B 169 -1.74 -26.32 -5.98
CA LEU B 169 -0.84 -27.30 -6.60
C LEU B 169 -0.37 -28.32 -5.56
N GLU B 170 0.01 -27.85 -4.37
CA GLU B 170 0.48 -28.72 -3.27
C GLU B 170 -0.61 -29.74 -2.92
N THR B 171 -1.88 -29.33 -3.05
CA THR B 171 -3.04 -30.17 -2.79
C THR B 171 -3.08 -31.34 -3.78
N ILE B 172 -2.95 -31.03 -5.08
CA ILE B 172 -2.95 -32.05 -6.14
C ILE B 172 -1.83 -33.06 -5.87
N LEU B 173 -0.70 -32.58 -5.35
CA LEU B 173 0.43 -33.42 -4.96
C LEU B 173 0.16 -34.03 -3.57
N GLY B 174 1.00 -35.00 -3.19
CA GLY B 174 0.91 -35.66 -1.90
C GLY B 174 1.42 -34.78 -0.77
N ASP C 1 1.67 44.68 7.82
CA ASP C 1 2.03 46.03 7.26
C ASP C 1 3.45 45.98 6.68
N TYR C 2 4.40 45.50 7.49
CA TYR C 2 5.84 45.51 7.18
C TYR C 2 6.24 44.37 6.24
N LEU C 3 5.49 43.25 6.28
CA LEU C 3 5.82 42.05 5.49
C LEU C 3 5.62 42.33 4.00
N ARG C 4 4.65 43.19 3.67
CA ARG C 4 4.38 43.57 2.30
C ARG C 4 5.56 44.42 1.77
N GLU C 5 6.23 45.14 2.68
CA GLU C 5 7.41 45.96 2.35
C GLU C 5 8.57 45.04 1.97
N LEU C 6 8.86 44.07 2.86
CA LEU C 6 9.94 43.10 2.67
C LEU C 6 9.74 42.34 1.35
N LEU C 7 8.47 42.10 1.00
CA LEU C 7 8.11 41.43 -0.23
C LEU C 7 8.58 42.26 -1.43
N LYS C 8 8.23 43.55 -1.43
CA LYS C 8 8.53 44.46 -2.53
C LYS C 8 10.04 44.50 -2.81
N LEU C 9 10.84 44.51 -1.75
CA LEU C 9 12.30 44.48 -1.87
C LEU C 9 12.74 43.19 -2.59
N GLU C 10 12.10 42.08 -2.23
CA GLU C 10 12.44 40.76 -2.78
C GLU C 10 11.99 40.65 -4.24
N LEU C 11 10.95 41.39 -4.61
CA LEU C 11 10.48 41.48 -6.00
C LEU C 11 11.45 42.32 -6.82
N GLN C 12 11.73 43.54 -6.34
CA GLN C 12 12.66 44.48 -6.97
C GLN C 12 14.01 43.80 -7.21
N ALA C 13 14.46 43.02 -6.22
CA ALA C 13 15.69 42.27 -6.32
C ALA C 13 15.64 41.39 -7.58
N ILE C 14 14.58 40.59 -7.72
CA ILE C 14 14.45 39.67 -8.85
C ILE C 14 14.42 40.45 -10.16
N LYS C 15 13.75 41.60 -10.18
CA LYS C 15 13.63 42.45 -11.38
C LYS C 15 15.02 42.95 -11.81
N GLN C 16 15.93 43.10 -10.85
CA GLN C 16 17.31 43.54 -11.12
C GLN C 16 18.12 42.39 -11.73
N TYR C 17 18.03 41.20 -11.14
CA TYR C 17 18.69 39.99 -11.66
C TYR C 17 18.02 39.58 -12.97
N GLU C 18 16.76 39.98 -13.16
CA GLU C 18 16.04 39.80 -14.42
C GLU C 18 16.73 40.61 -15.53
N LYS C 19 17.18 41.83 -15.20
CA LYS C 19 17.79 42.75 -16.18
C LYS C 19 19.27 42.38 -16.41
N LEU C 20 19.96 41.87 -15.38
CA LEU C 20 21.34 41.39 -15.55
C LEU C 20 21.34 40.16 -16.46
N ARG C 21 20.53 39.16 -16.09
CA ARG C 21 20.27 37.95 -16.87
C ARG C 21 20.30 38.30 -18.37
N GLN C 22 19.48 39.28 -18.74
CA GLN C 22 19.28 39.73 -20.13
C GLN C 22 20.60 40.27 -20.70
N THR C 23 21.27 41.14 -19.93
CA THR C 23 22.50 41.81 -20.35
C THR C 23 23.62 40.78 -20.56
N GLY C 24 23.71 39.82 -19.63
CA GLY C 24 24.67 38.73 -19.70
C GLY C 24 24.62 38.01 -21.04
N ASP C 25 23.40 37.81 -21.55
CA ASP C 25 23.18 37.12 -22.82
C ASP C 25 23.73 37.96 -23.98
N GLU C 26 23.30 39.23 -24.01
CA GLU C 26 23.59 40.16 -25.10
C GLU C 26 25.10 40.36 -25.23
N LEU C 27 25.78 40.48 -24.08
CA LEU C 27 27.22 40.73 -24.01
C LEU C 27 28.00 39.55 -24.59
N VAL C 28 27.50 38.33 -24.35
CA VAL C 28 28.12 37.10 -24.84
C VAL C 28 27.83 36.96 -26.35
N GLN C 29 26.58 37.23 -26.74
CA GLN C 29 26.14 37.08 -28.13
C GLN C 29 26.69 38.22 -28.99
N ALA C 30 27.09 39.32 -28.35
CA ALA C 30 27.81 40.41 -29.02
C ALA C 30 29.25 39.97 -29.30
N PHE C 31 29.83 39.19 -28.37
CA PHE C 31 31.22 38.73 -28.45
C PHE C 31 31.37 37.71 -29.58
N GLN C 32 30.28 37.00 -29.90
CA GLN C 32 30.19 36.18 -31.10
C GLN C 32 30.58 37.03 -32.32
N ARG C 33 29.85 38.14 -32.49
CA ARG C 33 29.95 39.02 -33.67
C ARG C 33 31.38 39.59 -33.79
N LEU C 34 32.05 39.78 -32.64
CA LEU C 34 33.42 40.31 -32.60
C LEU C 34 34.40 39.28 -33.18
N ARG C 35 34.21 38.00 -32.82
CA ARG C 35 35.03 36.89 -33.32
C ARG C 35 34.81 36.71 -34.83
N GLU C 36 33.60 37.04 -35.31
CA GLU C 36 33.26 36.94 -36.74
C GLU C 36 34.00 38.03 -37.52
N ILE C 37 33.86 39.28 -37.07
CA ILE C 37 34.35 40.48 -37.76
C ILE C 37 35.88 40.52 -37.74
N PHE C 38 36.47 40.10 -36.61
CA PHE C 38 37.92 40.08 -36.43
C PHE C 38 38.55 38.98 -37.32
N ASP C 39 37.82 37.89 -37.53
CA ASP C 39 38.26 36.79 -38.39
C ASP C 39 38.29 37.24 -39.86
N LYS C 40 37.36 38.12 -40.24
CA LYS C 40 37.33 38.73 -41.59
C LYS C 40 38.38 39.85 -41.67
N GLY C 41 38.68 40.46 -40.52
CA GLY C 41 39.73 41.47 -40.40
C GLY C 41 39.28 42.82 -40.93
N ASP C 42 37.97 43.10 -40.82
CA ASP C 42 37.37 44.35 -41.28
C ASP C 42 37.63 45.43 -40.22
N ASP C 43 38.31 46.52 -40.64
CA ASP C 43 38.73 47.60 -39.74
C ASP C 43 37.54 48.47 -39.33
N ASP C 44 36.60 48.67 -40.26
CA ASP C 44 35.43 49.54 -40.07
C ASP C 44 34.44 48.89 -39.09
N SER C 45 34.05 47.65 -39.40
CA SER C 45 33.01 46.90 -38.68
C SER C 45 33.40 46.67 -37.22
N LEU C 46 34.70 46.40 -36.98
CA LEU C 46 35.23 46.08 -35.65
C LEU C 46 35.02 47.28 -34.71
N GLU C 47 35.29 48.49 -35.22
CA GLU C 47 35.22 49.75 -34.45
C GLU C 47 33.83 49.92 -33.82
N GLN C 48 32.78 49.60 -34.58
CA GLN C 48 31.40 49.73 -34.14
C GLN C 48 31.09 48.70 -33.05
N VAL C 49 31.40 47.43 -33.33
CA VAL C 49 31.08 46.32 -32.44
C VAL C 49 31.82 46.48 -31.11
N LEU C 50 33.04 47.04 -31.14
CA LEU C 50 33.81 47.30 -29.92
C LEU C 50 33.09 48.35 -29.05
N GLU C 51 32.54 49.39 -29.68
CA GLU C 51 31.81 50.45 -28.98
C GLU C 51 30.46 49.91 -28.49
N GLU C 52 29.84 49.04 -29.30
CA GLU C 52 28.58 48.37 -28.99
C GLU C 52 28.72 47.53 -27.71
N ILE C 53 29.86 46.83 -27.60
CA ILE C 53 30.16 45.97 -26.46
C ILE C 53 30.52 46.84 -25.25
N GLU C 54 31.40 47.82 -25.47
CA GLU C 54 31.87 48.69 -24.39
C GLU C 54 30.69 49.40 -23.72
N GLU C 55 29.66 49.74 -24.49
CA GLU C 55 28.45 50.36 -23.98
C GLU C 55 27.67 49.36 -23.12
N LEU C 56 27.49 48.14 -23.64
CA LEU C 56 26.72 47.07 -22.96
C LEU C 56 27.32 46.75 -21.58
N ILE C 57 28.65 46.90 -21.45
CA ILE C 57 29.34 46.67 -20.19
C ILE C 57 28.88 47.73 -19.16
N GLN C 58 28.86 48.99 -19.58
CA GLN C 58 28.50 50.09 -18.69
C GLN C 58 27.11 49.86 -18.09
N LYS C 59 26.19 49.30 -18.87
CA LYS C 59 24.80 49.01 -18.44
C LYS C 59 24.79 47.83 -17.45
N HIS C 60 25.46 46.74 -17.83
CA HIS C 60 25.58 45.55 -16.99
C HIS C 60 26.20 45.94 -15.64
N ARG C 61 27.35 46.60 -15.73
CA ARG C 61 28.16 46.98 -14.57
C ARG C 61 27.39 47.99 -13.71
N GLN C 62 26.57 48.82 -14.37
CA GLN C 62 25.65 49.74 -13.70
C GLN C 62 24.75 48.95 -12.72
N LEU C 63 24.10 47.91 -13.25
CA LEU C 63 23.12 47.13 -12.49
C LEU C 63 23.82 46.28 -11.42
N ALA C 64 25.06 45.86 -11.70
CA ALA C 64 25.86 45.07 -10.76
C ALA C 64 26.21 45.90 -9.52
N SER C 65 26.16 47.24 -9.65
CA SER C 65 26.44 48.16 -8.56
C SER C 65 25.22 48.29 -7.63
N GLU C 66 24.03 48.13 -8.20
CA GLU C 66 22.76 48.35 -7.50
C GLU C 66 22.49 47.23 -6.49
N LEU C 67 22.68 45.99 -6.96
CA LEU C 67 22.29 44.79 -6.23
C LEU C 67 22.99 44.74 -4.86
N PRO C 68 24.32 44.93 -4.76
CA PRO C 68 24.98 44.97 -3.45
C PRO C 68 24.28 45.92 -2.46
N LYS C 69 23.73 47.03 -2.96
CA LYS C 69 22.99 47.99 -2.14
C LYS C 69 21.60 47.43 -1.78
N LEU C 70 20.93 46.82 -2.76
CA LEU C 70 19.54 46.36 -2.61
C LEU C 70 19.46 45.11 -1.71
N GLU C 71 20.53 44.32 -1.67
CA GLU C 71 20.60 43.16 -0.77
C GLU C 71 20.89 43.65 0.66
N LEU C 72 21.58 44.79 0.76
CA LEU C 72 21.78 45.48 2.03
C LEU C 72 20.44 46.04 2.55
N GLN C 73 19.69 46.67 1.63
CA GLN C 73 18.35 47.19 1.90
C GLN C 73 17.52 46.14 2.65
N ALA C 74 17.42 44.95 2.06
CA ALA C 74 16.71 43.83 2.63
C ALA C 74 17.22 43.58 4.05
N ILE C 75 18.52 43.30 4.16
CA ILE C 75 19.16 42.94 5.42
C ILE C 75 18.70 43.91 6.53
N LYS C 76 18.83 45.22 6.26
CA LYS C 76 18.41 46.26 7.19
C LYS C 76 17.03 45.92 7.77
N GLN C 77 16.05 45.71 6.87
CA GLN C 77 14.64 45.57 7.25
C GLN C 77 14.42 44.25 8.00
N TYR C 78 15.09 43.18 7.56
CA TYR C 78 14.96 41.87 8.20
C TYR C 78 15.53 41.93 9.62
N ARG C 79 16.67 42.61 9.79
CA ARG C 79 17.29 42.76 11.12
C ARG C 79 16.38 43.58 12.04
N GLU C 80 15.77 44.65 11.48
CA GLU C 80 14.78 45.46 12.21
C GLU C 80 13.71 44.54 12.80
N ALA C 81 13.02 43.81 11.90
CA ALA C 81 11.81 43.06 12.22
C ALA C 81 12.12 41.79 13.04
N LEU C 82 13.39 41.57 13.37
CA LEU C 82 13.79 40.40 14.17
C LEU C 82 14.03 40.82 15.63
N GLU C 83 14.34 42.11 15.84
CA GLU C 83 14.47 42.67 17.18
C GLU C 83 13.10 42.76 17.86
N TYR C 84 12.04 42.90 17.05
CA TYR C 84 10.68 43.10 17.54
C TYR C 84 9.90 41.79 17.53
N VAL C 85 9.93 41.07 16.40
CA VAL C 85 8.98 39.98 16.14
C VAL C 85 9.56 38.62 16.53
N LYS C 86 10.80 38.35 16.10
CA LYS C 86 11.49 37.06 16.34
C LYS C 86 10.66 35.91 15.76
N LEU C 87 10.35 35.98 14.46
CA LEU C 87 9.79 34.86 13.69
C LEU C 87 10.93 33.96 13.24
N PRO C 88 10.78 32.62 13.33
CA PRO C 88 11.83 31.69 12.89
C PRO C 88 12.26 31.78 11.42
N VAL C 89 11.34 32.19 10.55
CA VAL C 89 11.57 32.20 9.10
C VAL C 89 12.34 33.46 8.69
N LEU C 90 12.08 34.58 9.34
CA LEU C 90 12.75 35.83 9.03
C LEU C 90 14.26 35.67 9.25
N ALA C 91 14.64 34.83 10.21
CA ALA C 91 16.04 34.48 10.47
C ALA C 91 16.65 33.80 9.25
N LYS C 92 15.95 32.79 8.70
CA LYS C 92 16.44 31.98 7.60
C LYS C 92 16.65 32.85 6.36
N ILE C 93 15.77 33.83 6.15
CA ILE C 93 15.89 34.74 4.99
C ILE C 93 17.15 35.57 5.16
N LEU C 94 17.27 36.23 6.32
CA LEU C 94 18.40 37.08 6.65
C LEU C 94 19.71 36.37 6.30
N GLU C 95 19.83 35.10 6.72
CA GLU C 95 21.04 34.29 6.54
C GLU C 95 21.35 34.09 5.05
N ASP C 96 20.31 33.91 4.24
CA ASP C 96 20.44 33.79 2.78
C ASP C 96 20.98 35.11 2.22
N GLU C 97 20.35 36.22 2.59
CA GLU C 97 20.65 37.54 2.05
C GLU C 97 22.10 37.92 2.40
N GLU C 98 22.56 37.55 3.60
CA GLU C 98 23.95 37.78 4.01
C GLU C 98 24.90 37.07 3.04
N LYS C 99 24.60 35.80 2.75
CA LYS C 99 25.46 34.93 1.90
C LYS C 99 25.28 35.29 0.42
N HIS C 100 24.25 36.06 0.09
CA HIS C 100 24.02 36.57 -1.27
C HIS C 100 25.03 37.67 -1.61
N ILE C 101 25.41 38.48 -0.62
CA ILE C 101 26.40 39.54 -0.82
C ILE C 101 27.79 38.90 -0.93
N GLU C 102 28.03 37.83 -0.15
CA GLU C 102 29.23 37.03 -0.30
C GLU C 102 29.35 36.60 -1.77
N TRP C 103 28.31 35.92 -2.28
CA TRP C 103 28.25 35.44 -3.67
C TRP C 103 28.63 36.55 -4.65
N LEU C 104 28.01 37.73 -4.48
CA LEU C 104 28.12 38.85 -5.43
C LEU C 104 29.57 39.35 -5.51
N LYS C 105 30.09 39.77 -4.36
CA LYS C 105 31.32 40.56 -4.30
C LYS C 105 32.54 39.70 -4.69
N GLU C 106 32.40 38.37 -4.62
CA GLU C 106 33.42 37.44 -5.10
C GLU C 106 33.45 37.49 -6.64
N ALA C 107 32.26 37.51 -7.27
CA ALA C 107 32.10 37.51 -8.73
C ALA C 107 32.29 38.92 -9.30
N ALA C 108 32.05 39.95 -8.49
CA ALA C 108 32.22 41.34 -8.91
C ALA C 108 33.72 41.69 -9.03
N LYS C 109 34.57 40.96 -8.29
CA LYS C 109 36.03 41.05 -8.43
C LYS C 109 36.46 40.53 -9.81
N GLN C 110 35.95 39.34 -10.17
CA GLN C 110 36.24 38.68 -11.44
C GLN C 110 35.78 39.56 -12.62
N GLY C 111 34.75 40.38 -12.38
CA GLY C 111 34.22 41.33 -13.35
C GLY C 111 35.18 42.47 -13.66
N ASP C 112 35.75 43.07 -12.60
CA ASP C 112 36.70 44.18 -12.71
C ASP C 112 37.92 43.74 -13.53
N GLN C 113 38.53 42.64 -13.09
CA GLN C 113 39.64 41.95 -13.76
C GLN C 113 39.46 42.03 -15.29
N TRP C 114 38.29 41.59 -15.77
CA TRP C 114 38.02 41.38 -17.20
C TRP C 114 37.78 42.71 -17.93
N VAL C 115 37.15 43.68 -17.24
CA VAL C 115 36.88 45.01 -17.81
C VAL C 115 38.21 45.68 -18.20
N GLN C 116 39.26 45.41 -17.41
CA GLN C 116 40.61 45.91 -17.72
C GLN C 116 41.09 45.28 -19.04
N LEU C 117 41.06 43.94 -19.11
CA LEU C 117 41.58 43.15 -20.23
C LEU C 117 40.94 43.61 -21.55
N PHE C 118 39.62 43.83 -21.53
CA PHE C 118 38.89 44.29 -22.71
C PHE C 118 39.40 45.67 -23.14
N GLN C 119 39.69 46.53 -22.17
CA GLN C 119 40.11 47.91 -22.45
C GLN C 119 41.53 47.91 -23.03
N ARG C 120 42.37 46.96 -22.58
CA ARG C 120 43.72 46.76 -23.12
C ARG C 120 43.64 46.30 -24.58
N PHE C 121 42.69 45.42 -24.87
CA PHE C 121 42.45 44.90 -26.22
C PHE C 121 42.03 46.04 -27.16
N ARG C 122 41.23 46.98 -26.65
CA ARG C 122 40.74 48.11 -27.45
C ARG C 122 41.87 49.11 -27.70
N GLU C 123 42.82 49.19 -26.77
CA GLU C 123 43.97 50.10 -26.85
C GLU C 123 45.08 49.52 -27.75
N ALA C 124 45.04 48.22 -28.01
CA ALA C 124 46.01 47.53 -28.88
C ALA C 124 45.75 47.86 -30.36
N ILE C 125 44.50 48.24 -30.68
CA ILE C 125 44.08 48.64 -32.03
C ILE C 125 44.60 50.05 -32.35
N ASP C 126 44.79 50.87 -31.31
CA ASP C 126 45.36 52.23 -31.43
C ASP C 126 46.81 52.15 -31.93
N LYS C 127 47.61 51.29 -31.28
CA LYS C 127 49.01 51.08 -31.62
C LYS C 127 49.16 50.36 -32.98
N GLY C 128 48.06 49.83 -33.53
CA GLY C 128 48.06 49.08 -34.79
C GLY C 128 48.80 47.77 -34.66
N ASP C 129 48.68 47.15 -33.47
CA ASP C 129 49.47 45.98 -33.06
C ASP C 129 48.64 44.71 -33.37
N LYS C 130 48.66 44.31 -34.65
CA LYS C 130 47.71 43.35 -35.23
C LYS C 130 48.06 41.92 -34.81
N ASP C 131 49.36 41.66 -34.58
CA ASP C 131 49.88 40.39 -34.09
C ASP C 131 49.28 40.07 -32.71
N SER C 132 49.40 41.03 -31.80
CA SER C 132 48.97 40.89 -30.41
C SER C 132 47.47 40.53 -30.32
N LEU C 133 46.66 41.12 -31.21
CA LEU C 133 45.21 41.11 -31.10
C LEU C 133 44.67 39.67 -31.11
N GLU C 134 45.27 38.79 -31.91
CA GLU C 134 44.84 37.39 -31.98
C GLU C 134 44.97 36.73 -30.60
N GLN C 135 46.06 37.03 -29.90
CA GLN C 135 46.41 36.43 -28.60
C GLN C 135 45.53 37.03 -27.49
N LEU C 136 45.23 38.33 -27.59
CA LEU C 136 44.44 39.07 -26.60
C LEU C 136 42.96 38.67 -26.70
N LEU C 137 42.44 38.53 -27.92
CA LEU C 137 41.08 38.04 -28.18
C LEU C 137 40.96 36.60 -27.68
N GLU C 138 42.00 35.80 -27.94
CA GLU C 138 42.11 34.43 -27.45
C GLU C 138 41.98 34.42 -25.92
N GLU C 139 42.67 35.36 -25.26
CA GLU C 139 42.64 35.50 -23.79
C GLU C 139 41.25 35.92 -23.31
N LEU C 140 40.65 36.90 -24.00
CA LEU C 140 39.33 37.44 -23.65
C LEU C 140 38.26 36.34 -23.74
N GLU C 141 38.21 35.65 -24.87
CA GLU C 141 37.21 34.58 -25.14
C GLU C 141 37.15 33.59 -23.98
N GLN C 142 38.31 33.27 -23.39
CA GLN C 142 38.43 32.32 -22.27
C GLN C 142 37.97 33.00 -20.97
N ALA C 143 38.56 34.15 -20.64
CA ALA C 143 38.27 34.92 -19.42
C ALA C 143 36.80 35.39 -19.40
N LEU C 144 36.20 35.51 -20.59
CA LEU C 144 34.77 35.75 -20.76
C LEU C 144 33.99 34.60 -20.11
N GLN C 145 34.34 33.36 -20.50
CA GLN C 145 33.64 32.15 -20.07
C GLN C 145 33.95 31.81 -18.60
N LYS C 146 35.11 32.29 -18.10
CA LYS C 146 35.49 32.13 -16.69
C LYS C 146 34.54 32.94 -15.79
N ILE C 147 34.16 34.14 -16.26
CA ILE C 147 33.14 34.95 -15.59
C ILE C 147 31.79 34.26 -15.73
N ARG C 148 31.47 33.83 -16.96
CA ARG C 148 30.18 33.21 -17.27
C ARG C 148 29.96 31.98 -16.37
N GLU C 149 31.06 31.31 -15.98
CA GLU C 149 31.00 30.19 -15.06
C GLU C 149 30.52 30.65 -13.67
N LEU C 150 31.20 31.67 -13.12
CA LEU C 150 30.90 32.20 -11.78
C LEU C 150 29.51 32.83 -11.77
N THR C 151 29.14 33.46 -12.89
CA THR C 151 27.89 34.18 -13.03
C THR C 151 26.69 33.24 -12.95
N GLU C 152 26.58 32.30 -13.89
CA GLU C 152 25.34 31.57 -14.15
C GLU C 152 24.99 30.73 -12.91
N LYS C 153 26.01 30.26 -12.21
CA LYS C 153 25.82 29.55 -10.95
C LYS C 153 25.49 30.57 -9.85
N THR C 154 26.47 31.37 -9.42
CA THR C 154 26.32 32.28 -8.26
C THR C 154 25.44 33.48 -8.62
N GLY C 155 24.77 33.43 -9.78
CA GLY C 155 23.74 34.39 -10.16
C GLY C 155 22.34 33.81 -9.99
N ARG C 156 22.11 32.63 -10.58
CA ARG C 156 20.82 31.96 -10.55
C ARG C 156 20.60 31.31 -9.18
N LYS C 157 21.69 30.88 -8.54
CA LYS C 157 21.69 30.47 -7.11
C LYS C 157 20.82 31.43 -6.30
N ILE C 158 21.07 32.73 -6.48
CA ILE C 158 20.36 33.79 -5.77
C ILE C 158 18.89 33.80 -6.21
N LEU C 159 18.68 33.79 -7.54
CA LEU C 159 17.34 33.88 -8.13
C LEU C 159 16.46 32.72 -7.63
N GLU C 160 17.06 31.56 -7.36
CA GLU C 160 16.37 30.44 -6.71
C GLU C 160 15.93 30.88 -5.31
N ASP C 161 16.91 31.30 -4.50
CA ASP C 161 16.71 31.67 -3.09
C ASP C 161 15.73 32.85 -2.98
N GLU C 162 15.85 33.81 -3.89
CA GLU C 162 15.03 35.04 -3.86
C GLU C 162 13.56 34.69 -4.13
N GLU C 163 13.33 33.75 -5.07
CA GLU C 163 11.98 33.29 -5.40
C GLU C 163 11.40 32.53 -4.19
N LYS C 164 12.25 31.76 -3.50
CA LYS C 164 11.87 31.00 -2.32
C LYS C 164 11.48 31.94 -1.18
N HIS C 165 12.14 33.10 -1.10
CA HIS C 165 11.86 34.11 -0.06
C HIS C 165 10.47 34.70 -0.26
N ILE C 166 10.09 34.92 -1.53
CA ILE C 166 8.79 35.50 -1.87
C ILE C 166 7.69 34.53 -1.43
N GLU C 167 7.81 33.26 -1.86
CA GLU C 167 6.81 32.23 -1.58
C GLU C 167 6.63 32.10 -0.07
N TRP C 168 7.73 32.09 0.68
CA TRP C 168 7.73 32.05 2.15
C TRP C 168 6.87 33.20 2.70
N LEU C 169 7.14 34.42 2.21
CA LEU C 169 6.49 35.64 2.73
C LEU C 169 5.01 35.67 2.33
N GLU C 170 4.72 35.34 1.07
CA GLU C 170 3.35 35.31 0.54
C GLU C 170 2.49 34.33 1.35
N THR C 171 3.12 33.26 1.84
CA THR C 171 2.47 32.24 2.65
C THR C 171 2.03 32.84 3.99
N ILE C 172 2.94 33.55 4.66
CA ILE C 172 2.65 34.21 5.95
C ILE C 172 1.48 35.18 5.76
N LEU C 173 1.43 35.84 4.60
CA LEU C 173 0.33 36.74 4.22
C LEU C 173 -0.86 35.90 3.70
N GLY C 174 -2.01 36.56 3.52
CA GLY C 174 -3.23 35.92 3.06
C GLY C 174 -3.17 35.61 1.57
N ASP D 1 -15.56 -36.65 -14.92
CA ASP D 1 -16.81 -37.46 -14.82
C ASP D 1 -16.83 -38.17 -13.46
N TYR D 2 -15.73 -38.88 -13.16
CA TYR D 2 -15.60 -39.81 -12.03
C TYR D 2 -15.32 -39.06 -10.71
N LEU D 3 -14.69 -37.88 -10.78
CA LEU D 3 -14.31 -37.12 -9.57
C LEU D 3 -15.55 -36.61 -8.84
N ARG D 4 -16.60 -36.29 -9.60
CA ARG D 4 -17.87 -35.83 -9.05
C ARG D 4 -18.53 -36.99 -8.27
N GLU D 5 -18.27 -38.22 -8.71
CA GLU D 5 -18.79 -39.43 -8.06
C GLU D 5 -18.12 -39.59 -6.69
N LEU D 6 -16.77 -39.55 -6.69
CA LEU D 6 -15.96 -39.69 -5.48
C LEU D 6 -16.36 -38.63 -4.46
N LEU D 7 -16.71 -37.44 -4.96
CA LEU D 7 -17.14 -36.33 -4.12
C LEU D 7 -18.42 -36.72 -3.36
N LYS D 8 -19.42 -37.22 -4.10
CA LYS D 8 -20.73 -37.58 -3.55
C LYS D 8 -20.59 -38.58 -2.40
N LEU D 9 -19.68 -39.55 -2.56
CA LEU D 9 -19.40 -40.54 -1.53
C LEU D 9 -18.87 -39.85 -0.27
N GLU D 10 -17.99 -38.86 -0.48
CA GLU D 10 -17.33 -38.14 0.61
C GLU D 10 -18.33 -37.21 1.31
N LEU D 11 -19.35 -36.74 0.58
CA LEU D 11 -20.43 -35.94 1.15
C LEU D 11 -21.35 -36.83 1.99
N GLN D 12 -21.83 -37.93 1.39
CA GLN D 12 -22.70 -38.91 2.05
C GLN D 12 -22.05 -39.40 3.35
N ALA D 13 -20.74 -39.63 3.29
CA ALA D 13 -19.98 -40.05 4.45
C ALA D 13 -20.19 -39.04 5.58
N ILE D 14 -19.96 -37.76 5.29
CA ILE D 14 -20.07 -36.70 6.30
C ILE D 14 -21.49 -36.64 6.84
N LYS D 15 -22.49 -36.83 5.98
CA LYS D 15 -23.90 -36.77 6.37
C LYS D 15 -24.22 -37.90 7.36
N GLN D 16 -23.49 -39.01 7.26
CA GLN D 16 -23.67 -40.16 8.17
C GLN D 16 -23.05 -39.85 9.55
N TYR D 17 -21.82 -39.32 9.54
CA TYR D 17 -21.15 -38.91 10.77
C TYR D 17 -21.84 -37.68 11.36
N GLU D 18 -22.55 -36.93 10.52
CA GLU D 18 -23.41 -35.82 10.94
C GLU D 18 -24.55 -36.36 11.80
N LYS D 19 -25.12 -37.52 11.41
CA LYS D 19 -26.26 -38.11 12.12
C LYS D 19 -25.80 -38.87 13.38
N LEU D 20 -24.60 -39.47 13.34
CA LEU D 20 -24.03 -40.11 14.52
C LEU D 20 -23.72 -39.04 15.59
N ARG D 21 -22.97 -38.01 15.18
CA ARG D 21 -22.66 -36.84 15.99
C ARG D 21 -23.87 -36.47 16.86
N GLN D 22 -25.03 -36.31 16.20
CA GLN D 22 -26.30 -35.90 16.83
C GLN D 22 -26.73 -36.94 17.86
N THR D 23 -26.71 -38.22 17.48
CA THR D 23 -27.16 -39.33 18.32
C THR D 23 -26.26 -39.46 19.56
N GLY D 24 -24.95 -39.32 19.36
CA GLY D 24 -23.96 -39.35 20.42
C GLY D 24 -24.30 -38.37 21.53
N ASP D 25 -24.78 -37.19 21.16
CA ASP D 25 -25.15 -36.13 22.11
C ASP D 25 -26.36 -36.57 22.94
N GLU D 26 -27.41 -37.00 22.24
CA GLU D 26 -28.71 -37.33 22.82
C GLU D 26 -28.55 -38.48 23.81
N LEU D 27 -27.73 -39.47 23.44
CA LEU D 27 -27.50 -40.68 24.23
C LEU D 27 -26.80 -40.33 25.55
N VAL D 28 -25.88 -39.35 25.50
CA VAL D 28 -25.14 -38.88 26.67
C VAL D 28 -26.06 -38.02 27.55
N GLN D 29 -26.82 -37.13 26.91
CA GLN D 29 -27.71 -36.19 27.61
C GLN D 29 -28.94 -36.93 28.15
N ALA D 30 -29.24 -38.10 27.59
CA ALA D 30 -30.27 -39.00 28.12
C ALA D 30 -29.75 -39.67 29.40
N PHE D 31 -28.45 -39.98 29.42
CA PHE D 31 -27.81 -40.68 30.55
C PHE D 31 -27.75 -39.76 31.77
N GLN D 32 -27.71 -38.44 31.52
CA GLN D 32 -27.87 -37.44 32.57
C GLN D 32 -29.17 -37.74 33.32
N ARG D 33 -30.28 -37.78 32.57
CA ARG D 33 -31.64 -37.90 33.11
C ARG D 33 -31.79 -39.21 33.90
N LEU D 34 -31.04 -40.25 33.51
CA LEU D 34 -31.08 -41.56 34.19
C LEU D 34 -30.47 -41.44 35.59
N ARG D 35 -29.35 -40.72 35.69
CA ARG D 35 -28.66 -40.48 36.97
C ARG D 35 -29.54 -39.62 37.89
N GLU D 36 -30.36 -38.74 37.30
CA GLU D 36 -31.28 -37.87 38.05
C GLU D 36 -32.42 -38.72 38.65
N ILE D 37 -33.07 -39.51 37.79
CA ILE D 37 -34.30 -40.25 38.13
C ILE D 37 -33.97 -41.39 39.09
N PHE D 38 -32.81 -42.04 38.90
CA PHE D 38 -32.36 -43.14 39.75
C PHE D 38 -31.98 -42.62 41.15
N ASP D 39 -31.48 -41.38 41.22
CA ASP D 39 -31.12 -40.72 42.48
C ASP D 39 -32.39 -40.42 43.29
N LYS D 40 -33.50 -40.08 42.60
CA LYS D 40 -34.80 -39.88 43.24
C LYS D 40 -35.44 -41.24 43.56
N GLY D 41 -35.09 -42.26 42.78
CA GLY D 41 -35.53 -43.64 43.00
C GLY D 41 -36.96 -43.85 42.55
N ASP D 42 -37.37 -43.12 41.51
CA ASP D 42 -38.72 -43.19 40.94
C ASP D 42 -38.79 -44.41 40.01
N ASP D 43 -39.71 -45.34 40.32
CA ASP D 43 -39.86 -46.62 39.62
C ASP D 43 -40.50 -46.41 38.23
N ASP D 44 -41.44 -45.46 38.15
CA ASP D 44 -42.19 -45.19 36.92
C ASP D 44 -41.30 -44.49 35.89
N SER D 45 -40.67 -43.38 36.30
CA SER D 45 -39.89 -42.50 35.43
C SER D 45 -38.69 -43.24 34.82
N LEU D 46 -38.07 -44.13 35.61
CA LEU D 46 -36.88 -44.88 35.20
C LEU D 46 -37.20 -45.78 33.99
N GLU D 47 -38.37 -46.44 34.05
CA GLU D 47 -38.83 -47.39 33.04
C GLU D 47 -38.85 -46.73 31.66
N GLN D 48 -39.34 -45.48 31.59
CA GLN D 48 -39.46 -44.74 30.34
C GLN D 48 -38.06 -44.39 29.81
N VAL D 49 -37.23 -43.79 30.67
CA VAL D 49 -35.90 -43.29 30.28
C VAL D 49 -35.03 -44.46 29.82
N LEU D 50 -35.19 -45.64 30.43
CA LEU D 50 -34.44 -46.84 30.03
C LEU D 50 -34.82 -47.25 28.60
N GLU D 51 -36.12 -47.19 28.28
CA GLU D 51 -36.64 -47.53 26.95
C GLU D 51 -36.23 -46.45 25.94
N GLU D 52 -36.24 -45.19 26.40
CA GLU D 52 -35.83 -44.01 25.62
C GLU D 52 -34.37 -44.16 25.17
N ILE D 53 -33.51 -44.64 26.09
CA ILE D 53 -32.09 -44.83 25.84
C ILE D 53 -31.89 -46.07 24.94
N GLU D 54 -32.56 -47.17 25.29
CA GLU D 54 -32.42 -48.44 24.58
C GLU D 54 -32.79 -48.24 23.10
N GLU D 55 -33.77 -47.37 22.84
CA GLU D 55 -34.19 -47.06 21.46
C GLU D 55 -33.08 -46.28 20.75
N LEU D 56 -32.55 -45.25 21.43
CA LEU D 56 -31.51 -44.36 20.88
C LEU D 56 -30.27 -45.16 20.46
N ILE D 57 -29.97 -46.24 21.18
CA ILE D 57 -28.85 -47.11 20.87
C ILE D 57 -29.08 -47.79 19.51
N GLN D 58 -30.29 -48.32 19.30
CA GLN D 58 -30.62 -49.05 18.07
C GLN D 58 -30.39 -48.15 16.85
N LYS D 59 -30.70 -46.85 16.99
CA LYS D 59 -30.55 -45.86 15.89
C LYS D 59 -29.06 -45.56 15.66
N HIS D 60 -28.34 -45.27 16.75
CA HIS D 60 -26.91 -45.00 16.71
C HIS D 60 -26.18 -46.19 16.07
N ARG D 61 -26.45 -47.37 16.63
CA ARG D 61 -25.78 -48.61 16.25
C ARG D 61 -26.16 -48.96 14.80
N GLN D 62 -27.38 -48.61 14.41
CA GLN D 62 -27.84 -48.73 13.02
C GLN D 62 -26.85 -48.00 12.09
N LEU D 63 -26.59 -46.73 12.39
CA LEU D 63 -25.77 -45.87 11.54
C LEU D 63 -24.30 -46.30 11.61
N ALA D 64 -23.87 -46.84 12.75
CA ALA D 64 -22.50 -47.32 12.94
C ALA D 64 -22.23 -48.54 12.05
N SER D 65 -23.30 -49.21 11.60
CA SER D 65 -23.21 -50.37 10.70
C SER D 65 -22.99 -49.92 9.25
N GLU D 66 -23.52 -48.74 8.92
CA GLU D 66 -23.52 -48.22 7.55
C GLU D 66 -22.11 -47.76 7.14
N LEU D 67 -21.46 -47.02 8.05
CA LEU D 67 -20.21 -46.34 7.79
C LEU D 67 -19.13 -47.32 7.35
N PRO D 68 -18.90 -48.44 8.07
CA PRO D 68 -17.95 -49.45 7.60
C PRO D 68 -18.15 -49.86 6.14
N LYS D 69 -19.42 -49.89 5.69
CA LYS D 69 -19.74 -50.20 4.29
C LYS D 69 -19.39 -49.00 3.38
N LEU D 70 -19.73 -47.79 3.84
CA LEU D 70 -19.62 -46.58 3.01
C LEU D 70 -18.15 -46.15 2.87
N GLU D 71 -17.30 -46.51 3.83
CA GLU D 71 -15.87 -46.25 3.73
C GLU D 71 -15.22 -47.27 2.79
N LEU D 72 -15.82 -48.46 2.73
CA LEU D 72 -15.44 -49.49 1.76
C LEU D 72 -15.83 -49.02 0.34
N GLN D 73 -17.04 -48.49 0.21
CA GLN D 73 -17.54 -47.90 -1.05
C GLN D 73 -16.48 -46.98 -1.66
N ALA D 74 -16.02 -46.01 -0.86
CA ALA D 74 -15.01 -45.06 -1.26
C ALA D 74 -13.78 -45.83 -1.76
N ILE D 75 -13.22 -46.67 -0.89
CA ILE D 75 -11.99 -47.40 -1.16
C ILE D 75 -12.08 -48.04 -2.56
N LYS D 76 -13.16 -48.78 -2.80
CA LYS D 76 -13.41 -49.41 -4.11
C LYS D 76 -13.10 -48.41 -5.24
N GLN D 77 -13.76 -47.25 -5.20
CA GLN D 77 -13.73 -46.28 -6.30
C GLN D 77 -12.33 -45.65 -6.42
N TYR D 78 -11.69 -45.36 -5.29
CA TYR D 78 -10.37 -44.75 -5.28
C TYR D 78 -9.35 -45.74 -5.86
N ARG D 79 -9.46 -47.02 -5.50
CA ARG D 79 -8.57 -48.08 -6.03
C ARG D 79 -8.79 -48.21 -7.54
N GLU D 80 -10.05 -48.18 -7.98
CA GLU D 80 -10.39 -48.18 -9.41
C GLU D 80 -9.59 -47.10 -10.13
N ALA D 81 -9.80 -45.85 -9.70
CA ALA D 81 -9.34 -44.64 -10.39
C ALA D 81 -7.82 -44.45 -10.24
N LEU D 82 -7.15 -45.38 -9.55
CA LEU D 82 -5.70 -45.31 -9.37
C LEU D 82 -5.00 -46.28 -10.34
N GLU D 83 -5.72 -47.32 -10.78
CA GLU D 83 -5.23 -48.25 -11.80
C GLU D 83 -5.20 -47.56 -13.17
N TYR D 84 -6.07 -46.57 -13.37
CA TYR D 84 -6.21 -45.88 -14.64
C TYR D 84 -5.43 -44.56 -14.65
N VAL D 85 -5.64 -43.73 -13.61
CA VAL D 85 -5.24 -42.32 -13.63
C VAL D 85 -3.85 -42.14 -12.99
N LYS D 86 -3.66 -42.69 -11.79
CA LYS D 86 -2.42 -42.54 -10.99
C LYS D 86 -2.15 -41.03 -10.74
N LEU D 87 -3.14 -40.35 -10.13
CA LEU D 87 -2.95 -38.99 -9.58
C LEU D 87 -2.33 -39.11 -8.19
N PRO D 88 -1.35 -38.25 -7.84
CA PRO D 88 -0.70 -38.29 -6.53
C PRO D 88 -1.62 -38.11 -5.30
N VAL D 89 -2.71 -37.36 -5.46
CA VAL D 89 -3.59 -36.99 -4.35
C VAL D 89 -4.59 -38.13 -4.07
N LEU D 90 -5.04 -38.83 -5.11
CA LEU D 90 -5.98 -39.93 -4.95
C LEU D 90 -5.36 -41.01 -4.06
N ALA D 91 -4.02 -41.15 -4.13
CA ALA D 91 -3.27 -42.06 -3.26
C ALA D 91 -3.45 -41.66 -1.79
N LYS D 92 -3.23 -40.37 -1.50
CA LYS D 92 -3.28 -39.84 -0.13
C LYS D 92 -4.66 -40.05 0.47
N ILE D 93 -5.72 -39.90 -0.33
CA ILE D 93 -7.09 -40.07 0.14
C ILE D 93 -7.28 -41.55 0.52
N LEU D 94 -6.97 -42.45 -0.43
CA LEU D 94 -7.09 -43.89 -0.25
C LEU D 94 -6.50 -44.30 1.12
N GLU D 95 -5.29 -43.79 1.41
CA GLU D 95 -4.55 -44.14 2.64
C GLU D 95 -5.33 -43.70 3.89
N ASP D 96 -5.98 -42.53 3.81
CA ASP D 96 -6.83 -42.02 4.88
C ASP D 96 -8.01 -42.97 5.10
N GLU D 97 -8.70 -43.30 4.00
CA GLU D 97 -9.92 -44.08 4.03
C GLU D 97 -9.64 -45.48 4.59
N GLU D 98 -8.47 -46.05 4.25
CA GLU D 98 -8.03 -47.34 4.78
C GLU D 98 -7.95 -47.26 6.31
N LYS D 99 -7.29 -46.21 6.81
CA LYS D 99 -7.04 -46.01 8.26
C LYS D 99 -8.31 -45.55 8.98
N HIS D 100 -9.33 -45.11 8.22
CA HIS D 100 -10.63 -44.74 8.78
C HIS D 100 -11.40 -45.98 9.22
N ILE D 101 -11.26 -47.09 8.49
CA ILE D 101 -11.92 -48.34 8.85
C ILE D 101 -11.20 -48.95 10.06
N GLU D 102 -9.87 -48.80 10.11
CA GLU D 102 -9.10 -49.17 11.29
C GLU D 102 -9.72 -48.47 12.51
N TRP D 103 -9.79 -47.13 12.45
CA TRP D 103 -10.37 -46.30 13.52
C TRP D 103 -11.72 -46.86 13.98
N LEU D 104 -12.61 -47.14 13.01
CA LEU D 104 -14.00 -47.50 13.28
C LEU D 104 -14.09 -48.82 14.06
N LYS D 105 -13.53 -49.88 13.47
CA LYS D 105 -13.79 -51.24 13.91
C LYS D 105 -13.13 -51.50 15.28
N GLU D 106 -12.15 -50.67 15.65
CA GLU D 106 -11.53 -50.72 16.98
C GLU D 106 -12.54 -50.18 18.02
N ALA D 107 -13.24 -49.10 17.66
CA ALA D 107 -14.21 -48.43 18.54
C ALA D 107 -15.58 -49.14 18.50
N ALA D 108 -15.86 -49.87 17.42
CA ALA D 108 -17.11 -50.63 17.29
C ALA D 108 -17.09 -51.86 18.21
N LYS D 109 -15.87 -52.34 18.53
CA LYS D 109 -15.68 -53.41 19.54
C LYS D 109 -16.08 -52.89 20.92
N GLN D 110 -15.55 -51.71 21.27
CA GLN D 110 -15.80 -51.05 22.56
C GLN D 110 -17.30 -50.76 22.73
N GLY D 111 -18.00 -50.58 21.60
CA GLY D 111 -19.43 -50.35 21.56
C GLY D 111 -20.24 -51.57 21.97
N ASP D 112 -19.88 -52.74 21.42
CA ASP D 112 -20.54 -54.02 21.70
C ASP D 112 -20.44 -54.34 23.20
N GLN D 113 -19.20 -54.33 23.70
CA GLN D 113 -18.86 -54.47 25.12
C GLN D 113 -19.92 -53.77 26.00
N TRP D 114 -20.17 -52.49 25.73
CA TRP D 114 -21.00 -51.62 26.59
C TRP D 114 -22.49 -51.91 26.43
N VAL D 115 -22.92 -52.28 25.21
CA VAL D 115 -24.32 -52.61 24.92
C VAL D 115 -24.76 -53.81 25.78
N GLN D 116 -23.81 -54.73 26.05
CA GLN D 116 -24.06 -55.85 26.97
C GLN D 116 -24.33 -55.31 28.38
N LEU D 117 -23.40 -54.50 28.89
CA LEU D 117 -23.45 -53.99 30.28
C LEU D 117 -24.77 -53.26 30.55
N PHE D 118 -25.21 -52.43 29.58
CA PHE D 118 -26.47 -51.71 29.69
C PHE D 118 -27.65 -52.68 29.80
N GLN D 119 -27.59 -53.77 29.03
CA GLN D 119 -28.68 -54.74 28.98
C GLN D 119 -28.73 -55.54 30.30
N ARG D 120 -27.56 -55.78 30.91
CA ARG D 120 -27.46 -56.43 32.23
C ARG D 120 -28.09 -55.52 33.30
N PHE D 121 -27.84 -54.22 33.19
CA PHE D 121 -28.38 -53.21 34.11
C PHE D 121 -29.91 -53.19 34.03
N ARG D 122 -30.45 -53.34 32.81
CA ARG D 122 -31.89 -53.32 32.58
C ARG D 122 -32.55 -54.60 33.13
N GLU D 123 -31.78 -55.70 33.11
CA GLU D 123 -32.26 -57.02 33.57
C GLU D 123 -32.17 -57.13 35.11
N ALA D 124 -31.38 -56.25 35.74
CA ALA D 124 -31.24 -56.23 37.21
C ALA D 124 -32.47 -55.62 37.88
N ILE D 125 -33.24 -54.82 37.13
CA ILE D 125 -34.48 -54.21 37.59
C ILE D 125 -35.61 -55.25 37.60
N ASP D 126 -35.51 -56.26 36.73
CA ASP D 126 -36.46 -57.40 36.67
C ASP D 126 -36.41 -58.20 37.98
N LYS D 127 -35.19 -58.56 38.40
CA LYS D 127 -34.93 -59.33 39.62
C LYS D 127 -35.23 -58.49 40.88
N GLY D 128 -35.44 -57.18 40.72
CA GLY D 128 -35.71 -56.26 41.83
C GLY D 128 -34.50 -56.10 42.73
N ASP D 129 -33.32 -56.13 42.11
CA ASP D 129 -32.01 -56.22 42.79
C ASP D 129 -31.46 -54.79 42.94
N LYS D 130 -31.98 -54.07 43.94
CA LYS D 130 -31.84 -52.61 44.08
C LYS D 130 -30.43 -52.25 44.59
N ASP D 131 -29.82 -53.15 45.37
CA ASP D 131 -28.45 -53.01 45.86
C ASP D 131 -27.47 -52.94 44.69
N SER D 132 -27.57 -53.92 43.79
CA SER D 132 -26.67 -54.07 42.64
C SER D 132 -26.68 -52.81 41.76
N LEU D 133 -27.87 -52.20 41.60
CA LEU D 133 -28.11 -51.16 40.59
C LEU D 133 -27.16 -49.97 40.79
N GLU D 134 -26.89 -49.60 42.05
CA GLU D 134 -25.99 -48.48 42.36
C GLU D 134 -24.59 -48.74 41.76
N GLN D 135 -24.13 -50.00 41.89
CA GLN D 135 -22.79 -50.42 41.48
C GLN D 135 -22.72 -50.54 39.94
N LEU D 136 -23.82 -51.01 39.33
CA LEU D 136 -23.90 -51.23 37.88
C LEU D 136 -24.02 -49.89 37.14
N LEU D 137 -24.80 -48.95 37.68
CA LEU D 137 -24.91 -47.58 37.14
C LEU D 137 -23.56 -46.88 37.28
N GLU D 138 -22.90 -47.10 38.42
CA GLU D 138 -21.55 -46.60 38.68
C GLU D 138 -20.60 -47.10 37.58
N GLU D 139 -20.71 -48.39 37.23
CA GLU D 139 -19.89 -49.03 36.20
C GLU D 139 -20.22 -48.45 34.81
N LEU D 140 -21.51 -48.28 34.52
CA LEU D 140 -21.98 -47.77 33.23
C LEU D 140 -21.47 -46.35 33.01
N GLU D 141 -21.68 -45.47 33.99
CA GLU D 141 -21.30 -44.04 33.91
C GLU D 141 -19.83 -43.91 33.48
N GLN D 142 -18.97 -44.81 33.96
CA GLN D 142 -17.53 -44.80 33.64
C GLN D 142 -17.30 -45.35 32.22
N ALA D 143 -17.81 -46.55 31.96
CA ALA D 143 -17.66 -47.25 30.67
C ALA D 143 -18.34 -46.47 29.54
N LEU D 144 -19.32 -45.63 29.89
CA LEU D 144 -19.95 -44.66 28.99
C LEU D 144 -18.87 -43.68 28.50
N GLN D 145 -18.12 -43.09 29.44
CA GLN D 145 -17.12 -42.06 29.15
C GLN D 145 -15.88 -42.66 28.49
N LYS D 146 -15.63 -43.96 28.72
CA LYS D 146 -14.52 -44.69 28.08
C LYS D 146 -14.78 -44.80 26.57
N ILE D 147 -16.05 -45.03 26.19
CA ILE D 147 -16.47 -45.01 24.79
C ILE D 147 -16.40 -43.57 24.27
N ARG D 148 -16.95 -42.63 25.04
CA ARG D 148 -17.01 -41.22 24.68
C ARG D 148 -15.60 -40.71 24.36
N GLU D 149 -14.58 -41.26 25.04
CA GLU D 149 -13.18 -40.92 24.78
C GLU D 149 -12.78 -41.38 23.37
N LEU D 150 -13.01 -42.67 23.07
CA LEU D 150 -12.65 -43.27 21.77
C LEU D 150 -13.46 -42.63 20.63
N THR D 151 -14.71 -42.28 20.94
CA THR D 151 -15.65 -41.73 19.96
C THR D 151 -15.20 -40.35 19.47
N GLU D 152 -15.14 -39.38 20.40
CA GLU D 152 -15.09 -37.95 20.03
C GLU D 152 -13.77 -37.69 19.29
N LYS D 153 -12.72 -38.42 19.65
CA LYS D 153 -11.44 -38.35 18.95
C LYS D 153 -11.57 -39.12 17.64
N THR D 154 -11.63 -40.45 17.68
CA THR D 154 -11.57 -41.30 16.47
C THR D 154 -12.90 -41.22 15.68
N GLY D 155 -13.78 -40.28 16.06
CA GLY D 155 -14.97 -39.94 15.28
C GLY D 155 -14.77 -38.66 14.48
N ARG D 156 -14.37 -37.59 15.17
CA ARG D 156 -14.20 -36.28 14.57
C ARG D 156 -12.89 -36.24 13.78
N LYS D 157 -11.90 -37.02 14.21
CA LYS D 157 -10.67 -37.29 13.44
C LYS D 157 -11.03 -37.51 11.97
N ILE D 158 -12.03 -38.39 11.74
CA ILE D 158 -12.49 -38.74 10.40
C ILE D 158 -13.15 -37.53 9.75
N LEU D 159 -14.07 -36.89 10.48
CA LEU D 159 -14.84 -35.75 9.98
C LEU D 159 -13.89 -34.62 9.52
N GLU D 160 -12.74 -34.48 10.18
CA GLU D 160 -11.69 -33.56 9.75
C GLU D 160 -11.19 -34.02 8.38
N ASP D 161 -10.71 -35.27 8.31
CA ASP D 161 -10.09 -35.87 7.11
C ASP D 161 -11.09 -35.88 5.96
N GLU D 162 -12.36 -36.18 6.24
CA GLU D 162 -13.39 -36.32 5.22
C GLU D 162 -13.68 -34.95 4.58
N GLU D 163 -13.69 -33.90 5.40
CA GLU D 163 -13.89 -32.53 4.93
C GLU D 163 -12.69 -32.11 4.06
N LYS D 164 -11.49 -32.52 4.48
CA LYS D 164 -10.24 -32.24 3.77
C LYS D 164 -10.25 -32.93 2.39
N HIS D 165 -10.86 -34.11 2.31
CA HIS D 165 -10.96 -34.88 1.06
C HIS D 165 -11.84 -34.14 0.05
N ILE D 166 -12.92 -33.52 0.52
CA ILE D 166 -13.85 -32.79 -0.33
C ILE D 166 -13.13 -31.58 -0.94
N GLU D 167 -12.48 -30.79 -0.09
CA GLU D 167 -11.80 -29.56 -0.50
C GLU D 167 -10.74 -29.91 -1.55
N TRP D 168 -9.97 -30.98 -1.30
CA TRP D 168 -8.97 -31.49 -2.24
C TRP D 168 -9.60 -31.76 -3.61
N LEU D 169 -10.73 -32.47 -3.62
CA LEU D 169 -11.39 -32.91 -4.85
C LEU D 169 -12.00 -31.69 -5.59
N GLU D 170 -12.68 -30.83 -4.83
CA GLU D 170 -13.32 -29.63 -5.38
C GLU D 170 -12.29 -28.74 -6.08
N THR D 171 -11.06 -28.74 -5.53
CA THR D 171 -9.92 -27.97 -6.04
C THR D 171 -9.54 -28.50 -7.44
N ILE D 172 -9.37 -29.82 -7.56
CA ILE D 172 -9.02 -30.46 -8.83
C ILE D 172 -10.07 -30.11 -9.88
N LEU D 173 -11.34 -30.02 -9.46
CA LEU D 173 -12.44 -29.61 -10.32
C LEU D 173 -12.45 -28.08 -10.43
N GLY D 174 -13.26 -27.56 -11.36
CA GLY D 174 -13.35 -26.13 -11.63
C GLY D 174 -14.15 -25.40 -10.56
#